data_2VIT
#
_entry.id   2VIT
#
_cell.length_a   85.500
_cell.length_b   85.500
_cell.length_c   515.000
_cell.angle_alpha   90.00
_cell.angle_beta   90.00
_cell.angle_gamma   120.00
#
_symmetry.space_group_name_H-M   'P 61 2 2'
#
loop_
_entity.id
_entity.type
_entity.pdbx_description
1 polymer 'IMMUNOGLOBULIN (IGG1, LAMBDA)'
2 polymer 'IMMUNOGLOBULIN (IGG1, LAMBDA)'
3 polymer HEMAGGLUTININ
4 non-polymer 'ZINC ION'
#
loop_
_entity_poly.entity_id
_entity_poly.type
_entity_poly.pdbx_seq_one_letter_code
_entity_poly.pdbx_strand_id
1 'polypeptide(L)'
;QAVVTQESALTTSPGETVTLTCRSSTGAVTTSNYANWVQEKPDHLFTGLIGGTNNRAPGVPARFSGSLIGDKAALTITGA
QTEDEAIYFCALWYSNHWVFGGGTKLTVLGQPKSSPSVTLFPPSSEELETNKATLVCTITDFYPGVVTVDWKVDGTPVTQ
GMETTQPSKQSNNKYMASSYLTLTARAWERHSSYSCQVTHEGHTVEKSLS
;
A
2 'polypeptide(L)'
;QVQLKESGPGLVAPSQSLSITCTVSGFLLISNGVHWVRQPPGKGLEWLGVIWAGGNTNYNSALMSRVSISKDNSKSQVFL
KMKSLQTDDTAMYYCARDFYDYDVFYYAMDYWGQGTSVTVSSAKTTPPSVYPLAPGSAAQTNSMVTLGCLVKGYFPEPVT
VTWNSGSLSSGVHTFPAVLQSDLYTLSSSVTVPSSTWPSETVTCNVAHPASSTKVDKKIVP
;
B
3 'polypeptide(L)'
;TITDDQIEVTNATELVQSSSTGKICNNPHRILDGIDCTLIDALLGDPHCDVFQDETWDLFVERSKAFSNCYPYDVPDYAS
LRSLVASSGTLEFITEGFTWTGVTQNGGSNACKRGPGSGFFSRLNWLIKSGSTYPVLDVTMPNNDNFDKLYIWGIHHPST
NQEQTSLYVQASGRVTVSTRRSQQTIIPNIGSRPWVRGLSSRISIYWTIVKPGDVLVINSNGNLIAPRGYFKMRTGKSSI
MRSDAPIDTCISECITPDGSIPNDKPFQNVNKITYGACPKYV
;
C
#
loop_
_chem_comp.id
_chem_comp.type
_chem_comp.name
_chem_comp.formula
ZN non-polymer 'ZINC ION' 'Zn 2'
#
# COMPACT_ATOMS: atom_id res chain seq x y z
N GLN A 1 13.73 6.00 -15.39
CA GLN A 1 14.85 6.57 -14.56
C GLN A 1 15.64 5.37 -14.01
N ALA A 2 16.86 5.15 -14.53
CA ALA A 2 17.69 4.03 -14.09
C ALA A 2 16.99 2.69 -14.37
N VAL A 3 17.66 1.61 -14.00
CA VAL A 3 17.11 0.28 -14.22
C VAL A 3 17.52 -0.64 -13.08
N VAL A 4 16.55 -1.00 -12.27
CA VAL A 4 16.75 -1.89 -11.13
C VAL A 4 16.86 -3.36 -11.61
N THR A 5 17.97 -4.01 -11.33
CA THR A 5 18.15 -5.39 -11.77
C THR A 5 18.32 -6.40 -10.64
N GLN A 6 17.67 -7.55 -10.75
CA GLN A 6 17.79 -8.58 -9.72
C GLN A 6 17.66 -10.01 -10.26
N GLU A 7 18.24 -10.98 -9.55
CA GLU A 7 18.21 -12.40 -9.94
C GLU A 7 16.89 -12.83 -10.55
N SER A 8 16.96 -13.59 -11.64
CA SER A 8 15.76 -14.06 -12.34
C SER A 8 14.96 -14.96 -11.44
N ALA A 9 15.65 -15.94 -10.87
CA ALA A 9 15.01 -16.87 -9.98
C ALA A 9 16.14 -17.43 -9.20
N LEU A 10 15.84 -17.94 -8.01
CA LEU A 10 16.84 -18.48 -7.12
C LEU A 10 16.17 -19.69 -6.53
N THR A 11 16.92 -20.76 -6.33
CA THR A 11 16.31 -21.96 -5.77
C THR A 11 17.01 -22.39 -4.52
N THR A 12 16.27 -22.39 -3.43
CA THR A 12 16.82 -22.79 -2.16
C THR A 12 16.02 -23.97 -1.69
N SER A 13 16.38 -24.42 -0.50
CA SER A 13 15.75 -25.56 0.14
C SER A 13 15.46 -25.09 1.55
N PRO A 14 14.50 -25.71 2.22
CA PRO A 14 14.17 -25.31 3.59
C PRO A 14 15.43 -25.32 4.42
N GLY A 15 15.59 -24.32 5.28
CA GLY A 15 16.76 -24.26 6.13
C GLY A 15 17.81 -23.27 5.66
N GLU A 16 18.21 -23.43 4.41
CA GLU A 16 19.26 -22.58 3.87
C GLU A 16 18.97 -21.11 4.09
N THR A 17 19.98 -20.27 3.94
CA THR A 17 19.82 -18.83 4.10
C THR A 17 20.06 -18.14 2.78
N VAL A 18 18.99 -17.73 2.11
CA VAL A 18 19.12 -17.07 0.83
C VAL A 18 19.13 -15.55 0.92
N THR A 19 19.68 -14.90 -0.10
CA THR A 19 19.76 -13.45 -0.11
C THR A 19 19.50 -12.89 -1.49
N LEU A 20 18.32 -12.34 -1.69
CA LEU A 20 18.01 -11.76 -2.97
C LEU A 20 18.78 -10.44 -2.98
N THR A 21 19.12 -9.93 -4.16
CA THR A 21 19.89 -8.68 -4.22
C THR A 21 19.16 -7.68 -5.12
N CYS A 22 19.55 -6.41 -5.07
CA CYS A 22 18.92 -5.35 -5.87
C CYS A 22 19.94 -4.31 -6.33
N ARG A 23 20.29 -4.36 -7.62
CA ARG A 23 21.27 -3.51 -8.27
C ARG A 23 20.68 -2.31 -8.99
N SER A 24 21.49 -1.26 -9.15
CA SER A 24 21.09 -0.02 -9.81
C SER A 24 22.06 0.31 -10.94
N SER A 25 21.55 0.45 -12.15
CA SER A 25 22.39 0.77 -13.30
C SER A 25 23.16 2.04 -13.00
N THR A 26 22.42 3.00 -12.46
CA THR A 26 22.92 4.32 -12.12
C THR A 26 23.96 4.39 -10.99
N GLY A 27 24.32 3.26 -10.41
CA GLY A 27 25.30 3.26 -9.35
C GLY A 27 25.00 2.39 -8.15
N ALA A 28 25.50 2.82 -6.99
CA ALA A 28 25.29 2.08 -5.76
C ALA A 28 23.93 2.41 -5.20
N VAL A 29 23.32 1.46 -4.48
CA VAL A 29 22.02 1.68 -3.86
C VAL A 29 22.23 2.21 -2.44
N THR A 30 22.05 3.51 -2.28
CA THR A 30 22.21 4.18 -1.00
C THR A 30 20.89 4.12 -0.19
N THR A 31 20.90 4.74 0.99
CA THR A 31 19.70 4.80 1.81
C THR A 31 18.75 5.76 1.10
N SER A 32 19.32 6.64 0.27
CA SER A 32 18.55 7.63 -0.46
C SER A 32 17.47 6.98 -1.31
N ASN A 33 17.70 5.73 -1.70
CA ASN A 33 16.80 4.98 -2.55
C ASN A 33 15.59 4.28 -1.92
N TYR A 34 15.54 4.21 -0.59
CA TYR A 34 14.42 3.62 0.11
C TYR A 34 14.04 2.23 -0.40
N ALA A 35 15.03 1.40 -0.72
CA ALA A 35 14.77 0.06 -1.23
C ALA A 35 13.53 -0.52 -0.57
N ASN A 36 12.58 -0.90 -1.40
CA ASN A 36 11.31 -1.46 -0.99
C ASN A 36 11.32 -2.88 -1.48
N TRP A 37 10.91 -3.81 -0.65
CA TRP A 37 10.87 -5.20 -1.08
C TRP A 37 9.43 -5.73 -1.00
N VAL A 38 8.76 -5.81 -2.14
CA VAL A 38 7.40 -6.32 -2.16
C VAL A 38 7.47 -7.81 -2.41
N GLN A 39 6.52 -8.56 -1.85
CA GLN A 39 6.45 -10.00 -2.06
C GLN A 39 5.18 -10.35 -2.81
N GLU A 40 5.28 -10.91 -4.02
CA GLU A 40 4.10 -11.30 -4.76
C GLU A 40 3.82 -12.78 -4.56
N LYS A 41 2.69 -13.10 -3.94
CA LYS A 41 2.27 -14.48 -3.70
C LYS A 41 1.44 -14.97 -4.88
N PRO A 42 1.01 -16.23 -4.86
CA PRO A 42 0.22 -16.76 -5.95
C PRO A 42 -0.96 -15.91 -6.36
N ASP A 43 -1.17 -15.85 -7.68
CA ASP A 43 -2.27 -15.10 -8.25
C ASP A 43 -2.24 -13.63 -7.92
N HIS A 44 -1.03 -13.07 -8.00
CA HIS A 44 -0.79 -11.65 -7.77
C HIS A 44 -1.65 -10.95 -6.73
N LEU A 45 -1.20 -11.14 -5.49
CA LEU A 45 -1.77 -10.59 -4.26
C LEU A 45 -0.45 -10.10 -3.65
N PHE A 46 -0.09 -8.87 -3.94
CA PHE A 46 1.16 -8.32 -3.45
C PHE A 46 1.10 -7.97 -1.96
N THR A 47 2.24 -7.99 -1.29
CA THR A 47 2.35 -7.71 0.14
C THR A 47 3.63 -6.98 0.46
N GLY A 48 3.56 -5.89 1.21
CA GLY A 48 4.78 -5.17 1.57
C GLY A 48 5.62 -6.05 2.50
N LEU A 49 6.94 -6.00 2.38
CA LEU A 49 7.78 -6.81 3.25
C LEU A 49 8.75 -5.99 4.10
N ILE A 50 9.53 -5.16 3.42
CA ILE A 50 10.52 -4.29 4.02
C ILE A 50 10.42 -2.96 3.31
N GLY A 51 10.67 -1.88 4.05
CA GLY A 51 10.59 -0.55 3.46
C GLY A 51 11.72 0.32 3.98
N GLY A 52 12.07 1.32 3.20
CA GLY A 52 13.16 2.18 3.63
C GLY A 52 14.46 1.42 3.84
N THR A 53 14.63 0.32 3.09
CA THR A 53 15.84 -0.51 3.12
C THR A 53 15.90 -1.60 4.15
N ASN A 54 15.42 -1.37 5.36
CA ASN A 54 15.56 -2.43 6.36
C ASN A 54 14.46 -2.47 7.40
N ASN A 55 13.48 -1.59 7.29
CA ASN A 55 12.37 -1.57 8.25
C ASN A 55 11.36 -2.67 7.99
N ARG A 56 11.40 -3.70 8.82
CA ARG A 56 10.50 -4.82 8.65
C ARG A 56 9.03 -4.51 8.86
N ALA A 57 8.22 -4.69 7.83
CA ALA A 57 6.78 -4.44 7.95
C ALA A 57 6.16 -5.46 8.91
N PRO A 58 5.28 -4.99 9.79
CA PRO A 58 4.53 -5.72 10.81
C PRO A 58 4.36 -7.21 10.70
N GLY A 59 3.45 -7.66 9.84
CA GLY A 59 3.23 -9.09 9.73
C GLY A 59 4.44 -9.93 9.38
N VAL A 60 5.35 -9.32 8.61
CA VAL A 60 6.54 -9.98 8.14
C VAL A 60 7.28 -10.66 9.26
N PRO A 61 7.57 -11.96 9.11
CA PRO A 61 8.29 -12.79 10.09
C PRO A 61 9.66 -12.20 10.31
N ALA A 62 10.21 -12.42 11.49
CA ALA A 62 11.52 -11.85 11.82
C ALA A 62 12.58 -12.29 10.84
N ARG A 63 12.41 -13.49 10.30
CA ARG A 63 13.39 -14.04 9.39
C ARG A 63 13.71 -13.29 8.12
N PHE A 64 12.96 -12.23 7.80
CA PHE A 64 13.26 -11.43 6.62
C PHE A 64 14.02 -10.20 7.06
N SER A 65 15.12 -9.90 6.42
CA SER A 65 15.89 -8.76 6.84
C SER A 65 16.34 -7.86 5.69
N GLY A 66 16.28 -6.54 5.91
CA GLY A 66 16.72 -5.63 4.87
C GLY A 66 18.11 -5.14 5.17
N SER A 67 18.92 -4.91 4.14
CA SER A 67 20.27 -4.39 4.33
C SER A 67 21.01 -3.96 3.06
N LEU A 68 22.07 -3.21 3.26
CA LEU A 68 22.93 -2.82 2.16
C LEU A 68 24.13 -3.75 2.28
N ILE A 69 24.41 -4.46 1.20
CA ILE A 69 25.50 -5.39 1.15
C ILE A 69 26.33 -4.83 0.00
N GLY A 70 27.30 -4.01 0.35
CA GLY A 70 28.11 -3.44 -0.69
C GLY A 70 27.37 -2.33 -1.40
N ASP A 71 27.32 -2.38 -2.73
CA ASP A 71 26.69 -1.33 -3.54
C ASP A 71 25.32 -1.68 -4.05
N LYS A 72 24.75 -2.76 -3.53
CA LYS A 72 23.42 -3.19 -3.94
C LYS A 72 22.62 -3.43 -2.66
N ALA A 73 21.30 -3.37 -2.75
CA ALA A 73 20.48 -3.60 -1.56
C ALA A 73 20.18 -5.08 -1.46
N ALA A 74 19.80 -5.55 -0.30
CA ALA A 74 19.51 -6.95 -0.17
C ALA A 74 18.37 -7.28 0.77
N LEU A 75 17.98 -8.55 0.74
CA LEU A 75 16.93 -9.12 1.57
C LEU A 75 17.46 -10.53 1.83
N THR A 76 17.37 -10.97 3.07
CA THR A 76 17.88 -12.26 3.43
C THR A 76 16.89 -13.08 4.21
N ILE A 77 16.42 -14.15 3.60
CA ILE A 77 15.49 -15.02 4.27
C ILE A 77 16.42 -15.93 5.04
N THR A 78 16.33 -15.95 6.37
CA THR A 78 17.19 -16.82 7.17
C THR A 78 16.44 -18.06 7.68
N GLY A 79 16.54 -19.14 6.92
CA GLY A 79 15.82 -20.35 7.30
C GLY A 79 14.53 -20.43 6.51
N ALA A 80 14.64 -20.30 5.20
CA ALA A 80 13.48 -20.33 4.33
C ALA A 80 12.63 -21.56 4.59
N GLN A 81 11.31 -21.39 4.46
CA GLN A 81 10.33 -22.46 4.60
C GLN A 81 9.56 -22.51 3.27
N THR A 82 8.91 -23.63 2.96
CA THR A 82 8.15 -23.77 1.71
C THR A 82 7.23 -22.60 1.47
N GLU A 83 6.73 -22.05 2.56
CA GLU A 83 5.84 -20.91 2.50
C GLU A 83 6.59 -19.61 2.22
N ASP A 84 7.75 -19.70 1.59
CA ASP A 84 8.49 -18.50 1.27
C ASP A 84 8.63 -18.45 -0.23
N GLU A 85 8.12 -19.49 -0.88
CA GLU A 85 8.14 -19.58 -2.32
C GLU A 85 7.30 -18.38 -2.82
N ALA A 86 7.87 -17.58 -3.72
CA ALA A 86 7.16 -16.41 -4.25
C ALA A 86 8.04 -15.54 -5.16
N ILE A 87 7.45 -14.54 -5.80
CA ILE A 87 8.25 -13.64 -6.64
C ILE A 87 8.51 -12.45 -5.74
N TYR A 88 9.79 -12.14 -5.47
CA TYR A 88 10.15 -11.03 -4.59
C TYR A 88 10.60 -9.82 -5.37
N PHE A 89 9.79 -8.78 -5.39
CA PHE A 89 10.12 -7.57 -6.14
C PHE A 89 10.86 -6.53 -5.35
N CYS A 90 11.92 -5.98 -5.93
CA CYS A 90 12.71 -4.92 -5.31
C CYS A 90 12.32 -3.57 -5.96
N ALA A 91 12.06 -2.50 -5.21
CA ALA A 91 11.71 -1.20 -5.84
C ALA A 91 12.64 -0.11 -5.34
N LEU A 92 13.21 0.69 -6.23
CA LEU A 92 14.14 1.74 -5.80
C LEU A 92 13.65 3.14 -6.16
N TRP A 93 13.67 4.02 -5.17
CA TRP A 93 13.23 5.41 -5.33
C TRP A 93 14.34 6.28 -5.90
N TYR A 94 13.99 7.04 -6.94
CA TYR A 94 14.90 7.99 -7.62
C TYR A 94 14.14 9.28 -7.87
N SER A 95 14.19 10.20 -6.92
CA SER A 95 13.53 11.49 -7.02
C SER A 95 12.06 11.55 -7.43
N ASN A 96 11.17 11.14 -6.53
CA ASN A 96 9.73 11.18 -6.78
C ASN A 96 9.30 10.40 -8.01
N HIS A 97 10.03 9.29 -8.23
CA HIS A 97 9.84 8.31 -9.29
C HIS A 97 10.29 6.94 -8.74
N TRP A 98 9.42 5.94 -8.80
CA TRP A 98 9.79 4.63 -8.34
C TRP A 98 10.29 3.84 -9.55
N VAL A 99 11.10 2.82 -9.32
CA VAL A 99 11.65 1.96 -10.36
C VAL A 99 11.75 0.55 -9.78
N PHE A 100 10.90 -0.36 -10.23
CA PHE A 100 10.96 -1.73 -9.72
C PHE A 100 12.03 -2.58 -10.41
N GLY A 101 12.31 -3.73 -9.82
CA GLY A 101 13.28 -4.62 -10.38
C GLY A 101 12.48 -5.67 -11.12
N GLY A 102 13.18 -6.55 -11.84
CA GLY A 102 12.53 -7.59 -12.61
C GLY A 102 11.78 -8.63 -11.79
N GLY A 103 12.13 -8.68 -10.51
CA GLY A 103 11.53 -9.66 -9.62
C GLY A 103 12.34 -10.94 -9.61
N THR A 104 12.34 -11.64 -8.49
CA THR A 104 13.08 -12.90 -8.39
C THR A 104 12.09 -14.00 -8.07
N LYS A 105 12.24 -15.14 -8.73
CA LYS A 105 11.35 -16.25 -8.47
C LYS A 105 12.09 -17.10 -7.48
N LEU A 106 11.53 -17.27 -6.28
CA LEU A 106 12.23 -18.08 -5.31
C LEU A 106 11.58 -19.41 -5.21
N THR A 107 12.35 -20.46 -5.38
CA THR A 107 11.84 -21.81 -5.29
C THR A 107 12.33 -22.37 -3.95
N VAL A 108 11.50 -23.15 -3.27
CA VAL A 108 11.94 -23.74 -2.00
C VAL A 108 11.70 -25.26 -2.06
N LEU A 109 12.60 -25.96 -2.77
CA LEU A 109 12.51 -27.40 -2.99
C LEU A 109 11.87 -28.16 -1.84
N GLY A 110 10.62 -28.56 -2.02
CA GLY A 110 9.93 -29.30 -0.98
C GLY A 110 9.57 -30.71 -1.41
N GLN A 111 9.90 -31.08 -2.63
CA GLN A 111 9.59 -32.42 -3.08
C GLN A 111 10.64 -32.90 -4.05
N PRO A 112 10.64 -34.20 -4.36
CA PRO A 112 11.59 -34.79 -5.29
C PRO A 112 11.53 -34.24 -6.71
N LYS A 113 12.71 -34.07 -7.33
CA LYS A 113 12.83 -33.61 -8.71
C LYS A 113 12.05 -34.59 -9.54
N SER A 114 11.22 -34.09 -10.45
CA SER A 114 10.48 -34.98 -11.30
C SER A 114 10.80 -34.58 -12.73
N SER A 115 11.05 -35.57 -13.57
CA SER A 115 11.39 -35.33 -14.97
C SER A 115 10.12 -35.13 -15.78
N PRO A 116 10.11 -34.22 -16.77
CA PRO A 116 8.89 -33.99 -17.56
C PRO A 116 8.57 -35.16 -18.48
N SER A 117 7.31 -35.28 -18.87
CA SER A 117 6.87 -36.30 -19.82
C SER A 117 6.69 -35.45 -21.07
N VAL A 118 7.49 -35.63 -22.11
CA VAL A 118 7.30 -34.78 -23.28
C VAL A 118 6.42 -35.46 -24.31
N THR A 119 5.69 -34.67 -25.07
CA THR A 119 4.81 -35.20 -26.10
C THR A 119 4.73 -34.23 -27.27
N LEU A 120 5.00 -34.72 -28.47
CA LEU A 120 4.93 -33.83 -29.63
C LEU A 120 3.73 -34.33 -30.41
N PHE A 121 2.81 -33.44 -30.76
CA PHE A 121 1.62 -33.82 -31.54
C PHE A 121 1.73 -33.17 -32.93
N PRO A 122 1.51 -33.96 -33.97
CA PRO A 122 1.59 -33.47 -35.35
C PRO A 122 0.30 -32.75 -35.70
N PRO A 123 0.31 -31.91 -36.75
CA PRO A 123 -0.93 -31.22 -37.11
C PRO A 123 -2.00 -32.19 -37.55
N SER A 124 -3.24 -31.84 -37.22
CA SER A 124 -4.44 -32.63 -37.55
C SER A 124 -4.92 -32.40 -38.98
N SER A 125 -5.29 -33.48 -39.64
CA SER A 125 -5.76 -33.41 -41.01
C SER A 125 -6.71 -32.23 -41.17
N GLU A 126 -7.60 -32.09 -40.20
CA GLU A 126 -8.57 -31.04 -40.18
C GLU A 126 -7.90 -29.68 -40.24
N GLU A 127 -7.09 -29.37 -39.25
CA GLU A 127 -6.43 -28.07 -39.22
C GLU A 127 -5.69 -27.82 -40.53
N LEU A 128 -5.10 -28.88 -41.08
CA LEU A 128 -4.36 -28.77 -42.33
C LEU A 128 -5.24 -28.41 -43.56
N GLU A 129 -6.47 -28.92 -43.59
CA GLU A 129 -7.41 -28.65 -44.68
C GLU A 129 -7.60 -27.17 -44.81
N THR A 130 -7.60 -26.45 -43.70
CA THR A 130 -7.77 -25.00 -43.77
C THR A 130 -6.44 -24.30 -43.93
N ASN A 131 -5.46 -25.03 -44.41
CA ASN A 131 -4.12 -24.53 -44.70
C ASN A 131 -3.28 -23.86 -43.62
N LYS A 132 -3.27 -24.51 -42.45
CA LYS A 132 -2.52 -24.03 -41.31
C LYS A 132 -2.12 -25.29 -40.59
N ALA A 133 -0.95 -25.27 -39.99
CA ALA A 133 -0.43 -26.41 -39.24
C ALA A 133 0.17 -25.93 -37.94
N THR A 134 -0.22 -26.54 -36.84
CA THR A 134 0.29 -26.14 -35.54
C THR A 134 0.75 -27.29 -34.72
N LEU A 135 2.05 -27.36 -34.48
CA LEU A 135 2.61 -28.42 -33.65
C LEU A 135 2.38 -28.14 -32.14
N VAL A 136 1.84 -29.10 -31.42
CA VAL A 136 1.58 -28.94 -29.98
C VAL A 136 2.44 -29.86 -29.15
N CYS A 137 3.36 -29.30 -28.38
CA CYS A 137 4.24 -30.09 -27.52
C CYS A 137 3.84 -29.83 -26.07
N THR A 138 3.30 -30.87 -25.43
CA THR A 138 2.84 -30.80 -24.05
C THR A 138 3.84 -31.44 -23.09
N ILE A 139 4.52 -30.59 -22.32
CA ILE A 139 5.51 -30.94 -21.30
C ILE A 139 4.76 -31.06 -19.98
N THR A 140 4.85 -32.19 -19.29
CA THR A 140 4.12 -32.29 -18.04
C THR A 140 4.81 -33.05 -16.93
N ASP A 141 4.26 -32.87 -15.73
CA ASP A 141 4.73 -33.50 -14.52
C ASP A 141 6.19 -33.29 -14.14
N PHE A 142 6.69 -32.10 -14.40
CA PHE A 142 8.06 -31.82 -14.06
C PHE A 142 8.17 -31.09 -12.72
N TYR A 143 9.32 -31.23 -12.08
CA TYR A 143 9.61 -30.58 -10.81
C TYR A 143 11.13 -30.53 -10.68
N PRO A 144 11.69 -29.38 -10.26
CA PRO A 144 10.97 -28.15 -9.92
C PRO A 144 10.38 -27.49 -11.15
N GLY A 145 9.42 -26.58 -10.91
CA GLY A 145 8.74 -25.89 -11.99
C GLY A 145 9.52 -24.95 -12.91
N VAL A 146 10.43 -25.51 -13.69
CA VAL A 146 11.19 -24.71 -14.64
C VAL A 146 11.83 -25.53 -15.74
N VAL A 147 11.51 -25.12 -16.97
CA VAL A 147 11.99 -25.77 -18.18
C VAL A 147 12.25 -24.71 -19.25
N THR A 148 12.95 -25.10 -20.30
CA THR A 148 13.30 -24.24 -21.41
C THR A 148 12.89 -25.07 -22.61
N VAL A 149 12.07 -24.51 -23.48
CA VAL A 149 11.62 -25.24 -24.66
C VAL A 149 12.27 -24.70 -25.89
N ASP A 150 12.80 -25.60 -26.70
CA ASP A 150 13.46 -25.21 -27.95
C ASP A 150 12.94 -26.05 -29.12
N TRP A 151 12.60 -25.39 -30.24
CA TRP A 151 12.09 -26.10 -31.39
C TRP A 151 13.14 -26.29 -32.44
N LYS A 152 13.06 -27.39 -33.18
CA LYS A 152 14.01 -27.68 -34.25
C LYS A 152 13.27 -28.20 -35.46
N VAL A 153 13.71 -27.78 -36.64
CA VAL A 153 13.15 -28.22 -37.91
C VAL A 153 14.27 -28.87 -38.72
N ASP A 154 14.12 -30.13 -39.11
CA ASP A 154 15.14 -30.80 -39.89
C ASP A 154 16.50 -30.58 -39.25
N GLY A 155 16.55 -30.65 -37.93
CA GLY A 155 17.80 -30.43 -37.24
C GLY A 155 18.17 -28.96 -37.07
N THR A 156 17.79 -28.11 -38.02
CA THR A 156 18.11 -26.70 -37.85
C THR A 156 17.23 -26.09 -36.74
N PRO A 157 17.69 -25.00 -36.09
CA PRO A 157 16.93 -24.36 -35.01
C PRO A 157 15.88 -23.38 -35.50
N VAL A 158 14.70 -23.48 -34.90
CA VAL A 158 13.57 -22.62 -35.22
C VAL A 158 13.64 -21.37 -34.38
N THR A 159 13.16 -20.26 -34.94
CA THR A 159 13.14 -19.00 -34.22
C THR A 159 11.88 -18.21 -34.51
N GLN A 160 10.85 -18.88 -35.00
CA GLN A 160 9.61 -18.19 -35.28
C GLN A 160 8.46 -19.10 -34.99
N GLY A 161 7.29 -18.51 -34.89
CA GLY A 161 6.07 -19.26 -34.67
C GLY A 161 5.99 -20.10 -33.43
N MET A 162 6.96 -19.98 -32.53
CA MET A 162 6.85 -20.77 -31.33
C MET A 162 6.44 -19.89 -30.15
N GLU A 163 5.59 -20.45 -29.32
CA GLU A 163 5.06 -19.77 -28.16
C GLU A 163 4.99 -20.82 -27.09
N THR A 164 5.57 -20.51 -25.94
CA THR A 164 5.59 -21.44 -24.82
C THR A 164 4.84 -20.81 -23.63
N THR A 165 3.90 -21.54 -23.06
CA THR A 165 3.15 -21.06 -21.92
C THR A 165 4.11 -21.10 -20.73
N GLN A 166 3.90 -20.23 -19.73
CA GLN A 166 4.75 -20.19 -18.53
C GLN A 166 4.33 -21.44 -17.75
N PRO A 167 5.23 -22.04 -16.95
CA PRO A 167 4.76 -23.24 -16.25
C PRO A 167 3.61 -22.95 -15.28
N SER A 168 2.75 -23.94 -15.09
CA SER A 168 1.61 -23.82 -14.19
C SER A 168 1.64 -24.99 -13.23
N LYS A 169 1.36 -24.70 -11.96
CA LYS A 169 1.32 -25.69 -10.90
C LYS A 169 0.25 -26.73 -11.27
N GLN A 170 0.33 -27.92 -10.71
CA GLN A 170 -0.67 -28.93 -10.98
C GLN A 170 -1.36 -29.19 -9.64
N SER A 171 -2.22 -30.21 -9.58
CA SER A 171 -2.87 -30.54 -8.33
C SER A 171 -1.81 -31.23 -7.47
N ASN A 172 -1.07 -32.16 -8.06
CA ASN A 172 -0.03 -32.87 -7.33
C ASN A 172 1.20 -31.98 -7.09
N ASN A 173 1.07 -30.70 -7.37
CA ASN A 173 2.16 -29.78 -7.16
C ASN A 173 3.36 -29.95 -8.04
N LYS A 174 3.29 -30.87 -8.99
CA LYS A 174 4.39 -30.97 -9.94
C LYS A 174 4.05 -29.82 -10.90
N TYR A 175 4.51 -29.85 -12.15
CA TYR A 175 4.17 -28.77 -13.09
C TYR A 175 3.87 -29.24 -14.48
N MET A 176 3.17 -28.39 -15.22
CA MET A 176 2.81 -28.70 -16.60
C MET A 176 3.15 -27.44 -17.37
N ALA A 177 3.34 -27.57 -18.68
CA ALA A 177 3.64 -26.44 -19.52
C ALA A 177 3.27 -26.82 -20.94
N SER A 178 3.49 -25.91 -21.88
CA SER A 178 3.11 -26.18 -23.24
C SER A 178 3.78 -25.27 -24.25
N SER A 179 4.02 -25.78 -25.45
CA SER A 179 4.66 -24.99 -26.48
C SER A 179 3.96 -25.25 -27.82
N TYR A 180 3.89 -24.26 -28.69
CA TYR A 180 3.21 -24.41 -29.99
C TYR A 180 4.09 -23.91 -31.14
N LEU A 181 4.16 -24.64 -32.24
CA LEU A 181 4.93 -24.15 -33.38
C LEU A 181 3.90 -23.98 -34.47
N THR A 182 3.74 -22.75 -34.94
CA THR A 182 2.72 -22.39 -35.94
C THR A 182 3.23 -22.03 -37.33
N LEU A 183 2.99 -22.91 -38.28
CA LEU A 183 3.42 -22.64 -39.64
C LEU A 183 2.26 -22.91 -40.57
N THR A 184 2.40 -22.47 -41.82
CA THR A 184 1.39 -22.70 -42.85
C THR A 184 1.60 -24.09 -43.47
N ALA A 185 0.51 -24.76 -43.84
CA ALA A 185 0.58 -26.08 -44.43
C ALA A 185 1.76 -26.18 -45.37
N ARG A 186 1.87 -25.19 -46.25
CA ARG A 186 2.95 -25.16 -47.20
C ARG A 186 4.28 -25.32 -46.47
N ALA A 187 4.56 -24.49 -45.46
CA ALA A 187 5.81 -24.59 -44.72
C ALA A 187 5.92 -25.89 -43.93
N TRP A 188 4.79 -26.47 -43.57
CA TRP A 188 4.82 -27.73 -42.84
C TRP A 188 5.20 -28.83 -43.81
N GLU A 189 4.86 -28.69 -45.09
CA GLU A 189 5.23 -29.71 -46.10
C GLU A 189 6.70 -29.59 -46.47
N ARG A 190 7.22 -28.37 -46.43
CA ARG A 190 8.60 -28.03 -46.76
C ARG A 190 9.71 -28.72 -45.98
N HIS A 191 9.39 -29.45 -44.93
CA HIS A 191 10.41 -30.13 -44.13
C HIS A 191 10.00 -31.55 -43.74
N SER A 192 10.95 -32.33 -43.24
CA SER A 192 10.67 -33.71 -42.89
C SER A 192 10.60 -34.04 -41.42
N SER A 193 11.52 -33.52 -40.61
CA SER A 193 11.52 -33.79 -39.17
C SER A 193 11.33 -32.53 -38.32
N TYR A 194 10.52 -32.65 -37.27
CA TYR A 194 10.24 -31.55 -36.36
C TYR A 194 10.46 -31.99 -34.92
N SER A 195 11.17 -31.19 -34.14
CA SER A 195 11.44 -31.60 -32.77
C SER A 195 11.24 -30.52 -31.73
N CYS A 196 10.85 -30.99 -30.56
CA CYS A 196 10.58 -30.14 -29.44
C CYS A 196 11.60 -30.60 -28.42
N GLN A 197 12.45 -29.68 -27.97
CA GLN A 197 13.50 -29.99 -27.01
C GLN A 197 13.27 -29.35 -25.70
N VAL A 198 12.89 -30.17 -24.73
CA VAL A 198 12.62 -29.69 -23.39
C VAL A 198 13.84 -29.84 -22.49
N THR A 199 14.40 -28.71 -22.06
CA THR A 199 15.58 -28.70 -21.21
C THR A 199 15.13 -28.43 -19.76
N HIS A 200 15.44 -29.36 -18.87
CA HIS A 200 15.06 -29.31 -17.45
C HIS A 200 16.10 -29.98 -16.58
N GLU A 201 16.78 -29.16 -15.77
CA GLU A 201 17.81 -29.59 -14.82
C GLU A 201 19.00 -30.19 -15.54
N GLY A 202 19.60 -29.41 -16.43
CA GLY A 202 20.78 -29.86 -17.14
C GLY A 202 20.48 -30.70 -18.35
N HIS A 203 19.69 -31.75 -18.17
CA HIS A 203 19.39 -32.58 -19.30
C HIS A 203 18.30 -31.97 -20.16
N THR A 204 18.22 -32.48 -21.38
CA THR A 204 17.29 -32.07 -22.39
C THR A 204 16.61 -33.33 -22.81
N VAL A 205 15.29 -33.31 -22.83
CA VAL A 205 14.50 -34.45 -23.21
C VAL A 205 13.72 -33.97 -24.39
N GLU A 206 13.99 -34.50 -25.57
CA GLU A 206 13.24 -34.08 -26.73
C GLU A 206 12.37 -35.20 -27.31
N LYS A 207 11.41 -34.82 -28.14
CA LYS A 207 10.50 -35.72 -28.84
C LYS A 207 10.54 -35.14 -30.25
N SER A 208 10.35 -35.97 -31.26
CA SER A 208 10.38 -35.44 -32.63
C SER A 208 9.49 -36.26 -33.55
N LEU A 209 9.19 -35.72 -34.74
CA LEU A 209 8.40 -36.45 -35.70
C LEU A 209 8.79 -36.12 -37.16
N SER A 210 8.01 -36.69 -38.10
CA SER A 210 8.20 -36.50 -39.54
C SER A 210 6.89 -36.82 -40.28
N GLN B 1 -9.28 -0.61 9.22
CA GLN B 1 -7.93 -0.98 8.69
C GLN B 1 -7.79 -0.34 7.33
N VAL B 2 -6.58 -0.34 6.80
CA VAL B 2 -6.37 0.23 5.49
C VAL B 2 -7.00 -0.74 4.54
N GLN B 3 -7.42 -0.26 3.37
CA GLN B 3 -8.02 -1.14 2.37
C GLN B 3 -8.22 -0.42 1.03
N LEU B 4 -7.72 -1.02 -0.04
CA LEU B 4 -7.87 -0.40 -1.36
C LEU B 4 -8.44 -1.41 -2.38
N LYS B 5 -9.43 -0.98 -3.16
CA LYS B 5 -10.06 -1.84 -4.17
C LYS B 5 -10.05 -1.08 -5.49
N GLU B 6 -9.81 -1.80 -6.59
CA GLU B 6 -9.79 -1.23 -7.92
C GLU B 6 -10.99 -1.78 -8.70
N SER B 7 -11.68 -0.89 -9.37
CA SER B 7 -12.85 -1.26 -10.15
C SER B 7 -12.66 -0.57 -11.46
N GLY B 8 -12.65 -1.34 -12.54
CA GLY B 8 -12.45 -0.77 -13.86
C GLY B 8 -13.27 -1.57 -14.85
N PRO B 9 -13.01 -1.40 -16.15
CA PRO B 9 -13.66 -2.04 -17.29
C PRO B 9 -13.43 -3.55 -17.50
N GLY B 10 -12.19 -4.00 -17.47
CA GLY B 10 -11.95 -5.42 -17.68
C GLY B 10 -11.61 -5.66 -19.15
N LEU B 11 -12.35 -5.03 -20.06
CA LEU B 11 -12.11 -5.17 -21.51
C LEU B 11 -12.41 -3.88 -22.29
N VAL B 12 -11.37 -3.30 -22.89
CA VAL B 12 -11.51 -2.07 -23.67
C VAL B 12 -10.75 -2.21 -24.97
N ALA B 13 -11.35 -1.75 -26.06
CA ALA B 13 -10.72 -1.86 -27.36
C ALA B 13 -9.64 -0.83 -27.58
N PRO B 14 -8.59 -1.18 -28.33
CA PRO B 14 -7.47 -0.27 -28.63
C PRO B 14 -8.08 1.00 -29.15
N SER B 15 -7.59 2.14 -28.67
CA SER B 15 -8.12 3.44 -29.05
C SER B 15 -9.51 3.62 -28.47
N GLN B 16 -9.50 3.94 -27.19
CA GLN B 16 -10.66 4.20 -26.35
C GLN B 16 -9.91 4.79 -25.17
N SER B 17 -10.52 4.86 -23.99
CA SER B 17 -9.80 5.41 -22.86
C SER B 17 -10.02 4.63 -21.60
N LEU B 18 -8.93 4.10 -21.06
CA LEU B 18 -9.01 3.30 -19.85
C LEU B 18 -9.23 4.15 -18.60
N SER B 19 -10.12 3.70 -17.73
CA SER B 19 -10.44 4.44 -16.52
C SER B 19 -10.64 3.54 -15.30
N ILE B 20 -9.57 3.33 -14.54
CA ILE B 20 -9.63 2.50 -13.35
C ILE B 20 -10.00 3.40 -12.15
N THR B 21 -10.43 2.80 -11.06
CA THR B 21 -10.80 3.54 -9.87
C THR B 21 -10.31 2.76 -8.66
N CYS B 22 -9.56 3.44 -7.81
CA CYS B 22 -9.00 2.84 -6.60
C CYS B 22 -9.78 3.48 -5.49
N THR B 23 -10.64 2.71 -4.82
CA THR B 23 -11.42 3.27 -3.71
C THR B 23 -10.77 2.91 -2.39
N VAL B 24 -10.18 3.90 -1.73
CA VAL B 24 -9.52 3.66 -0.45
C VAL B 24 -10.40 3.83 0.79
N SER B 25 -10.10 3.02 1.78
CA SER B 25 -10.80 3.02 3.04
C SER B 25 -9.83 2.99 4.20
N GLY B 26 -10.25 3.63 5.30
CA GLY B 26 -9.45 3.62 6.51
C GLY B 26 -8.24 4.51 6.57
N PHE B 27 -8.24 5.56 5.77
CA PHE B 27 -7.16 6.54 5.75
C PHE B 27 -7.67 7.60 4.80
N LEU B 28 -7.16 8.82 4.91
CA LEU B 28 -7.69 9.89 4.06
C LEU B 28 -6.74 10.19 2.96
N LEU B 29 -7.26 10.63 1.81
CA LEU B 29 -6.36 10.96 0.72
C LEU B 29 -5.53 12.21 1.04
N ILE B 30 -5.97 13.01 2.01
CA ILE B 30 -5.21 14.21 2.39
C ILE B 30 -4.15 13.77 3.40
N SER B 31 -4.17 12.52 3.79
CA SER B 31 -3.19 12.05 4.73
C SER B 31 -2.11 11.23 4.07
N ASN B 32 -2.37 10.69 2.89
CA ASN B 32 -1.38 9.84 2.21
C ASN B 32 -1.50 9.97 0.73
N GLY B 33 -0.53 9.41 0.04
CA GLY B 33 -0.57 9.46 -1.41
C GLY B 33 -1.04 8.10 -1.85
N VAL B 34 -1.37 7.98 -3.13
CA VAL B 34 -1.80 6.70 -3.69
C VAL B 34 -1.03 6.53 -5.00
N HIS B 35 -0.45 5.34 -5.17
CA HIS B 35 0.35 4.98 -6.33
C HIS B 35 -0.40 4.05 -7.24
N TRP B 36 0.03 3.99 -8.50
CA TRP B 36 -0.56 3.10 -9.49
C TRP B 36 0.56 2.23 -10.05
N VAL B 37 0.42 0.92 -9.91
CA VAL B 37 1.40 -0.07 -10.38
C VAL B 37 0.68 -1.05 -11.30
N ARG B 38 1.20 -1.27 -12.51
CA ARG B 38 0.59 -2.20 -13.48
C ARG B 38 1.52 -3.38 -13.78
N GLN B 39 0.95 -4.59 -13.86
CA GLN B 39 1.71 -5.84 -14.12
C GLN B 39 1.22 -6.57 -15.37
N PRO B 40 1.87 -6.35 -16.54
CA PRO B 40 1.45 -7.01 -17.78
C PRO B 40 1.82 -8.49 -17.62
N PRO B 41 0.98 -9.37 -18.17
CA PRO B 41 1.11 -10.83 -18.14
C PRO B 41 2.52 -11.31 -18.45
N GLY B 42 3.07 -12.06 -17.50
CA GLY B 42 4.40 -12.58 -17.68
C GLY B 42 5.43 -11.47 -17.76
N LYS B 43 5.28 -10.45 -16.93
CA LYS B 43 6.25 -9.36 -16.93
C LYS B 43 6.46 -8.87 -15.50
N GLY B 44 7.36 -7.90 -15.35
CA GLY B 44 7.62 -7.35 -14.04
C GLY B 44 6.55 -6.31 -13.76
N LEU B 45 6.68 -5.61 -12.66
CA LEU B 45 5.70 -4.57 -12.35
C LEU B 45 6.17 -3.30 -13.03
N GLU B 46 5.22 -2.40 -13.26
CA GLU B 46 5.52 -1.09 -13.86
C GLU B 46 4.83 -0.04 -13.01
N TRP B 47 5.56 0.99 -12.61
CA TRP B 47 5.01 2.08 -11.79
C TRP B 47 4.44 3.07 -12.81
N LEU B 48 3.17 3.42 -12.70
CA LEU B 48 2.53 4.36 -13.65
C LEU B 48 2.65 5.82 -13.28
N GLY B 49 2.51 6.10 -11.99
CA GLY B 49 2.58 7.47 -11.52
C GLY B 49 2.00 7.48 -10.11
N VAL B 50 1.97 8.66 -9.51
CA VAL B 50 1.45 8.79 -8.16
C VAL B 50 0.78 10.13 -8.00
N ILE B 51 -0.24 10.17 -7.15
CA ILE B 51 -0.92 11.42 -6.84
C ILE B 51 -0.66 11.60 -5.36
N TRP B 52 -0.02 12.71 -5.00
CA TRP B 52 0.33 13.00 -3.61
C TRP B 52 -0.87 13.44 -2.78
N ALA B 53 -0.71 13.49 -1.46
CA ALA B 53 -1.85 13.90 -0.62
C ALA B 53 -2.17 15.35 -0.97
N GLY B 54 -1.14 16.09 -1.35
CA GLY B 54 -1.34 17.48 -1.71
C GLY B 54 -1.98 17.66 -3.09
N GLY B 55 -2.28 16.55 -3.76
CA GLY B 55 -2.91 16.66 -5.06
C GLY B 55 -1.92 16.69 -6.21
N ASN B 56 -0.72 17.17 -5.99
CA ASN B 56 0.21 17.18 -7.09
C ASN B 56 0.54 15.76 -7.46
N THR B 57 0.92 15.53 -8.70
CA THR B 57 1.23 14.19 -9.15
C THR B 57 2.65 14.01 -9.71
N ASN B 58 3.05 12.77 -9.90
CA ASN B 58 4.35 12.42 -10.45
C ASN B 58 4.14 11.19 -11.27
N TYR B 59 4.38 11.29 -12.56
CA TYR B 59 4.16 10.16 -13.43
C TYR B 59 5.44 9.52 -13.91
N ASN B 60 5.31 8.28 -14.38
CA ASN B 60 6.42 7.52 -14.93
C ASN B 60 6.74 8.16 -16.27
N SER B 61 7.94 8.73 -16.34
CA SER B 61 8.45 9.43 -17.52
C SER B 61 7.94 8.90 -18.84
N ALA B 62 8.04 7.59 -19.00
CA ALA B 62 7.61 6.95 -20.23
C ALA B 62 6.13 7.16 -20.57
N LEU B 63 5.27 6.52 -19.80
CA LEU B 63 3.83 6.59 -20.05
C LEU B 63 3.18 7.92 -19.72
N MET B 64 3.95 8.86 -19.19
CA MET B 64 3.39 10.15 -18.80
C MET B 64 2.52 10.86 -19.82
N SER B 65 2.91 10.80 -21.08
CA SER B 65 2.16 11.46 -22.13
C SER B 65 0.74 10.94 -22.30
N ARG B 66 0.45 9.79 -21.72
CA ARG B 66 -0.88 9.22 -21.87
C ARG B 66 -1.59 9.01 -20.57
N VAL B 67 -0.87 9.05 -19.46
CA VAL B 67 -1.48 8.86 -18.15
C VAL B 67 -2.05 10.13 -17.55
N SER B 68 -2.79 9.97 -16.47
CA SER B 68 -3.40 11.10 -15.80
C SER B 68 -4.08 10.61 -14.53
N ILE B 69 -3.44 10.83 -13.40
CA ILE B 69 -4.01 10.43 -12.13
C ILE B 69 -4.70 11.62 -11.47
N SER B 70 -5.88 11.38 -10.93
CA SER B 70 -6.64 12.42 -10.25
C SER B 70 -7.24 11.79 -9.00
N LYS B 71 -8.12 12.54 -8.33
CA LYS B 71 -8.76 12.03 -7.11
C LYS B 71 -9.85 12.95 -6.61
N ASP B 72 -10.82 12.37 -5.95
CA ASP B 72 -11.89 13.12 -5.36
C ASP B 72 -11.79 12.84 -3.88
N ASN B 73 -11.05 13.69 -3.18
CA ASN B 73 -10.83 13.54 -1.74
C ASN B 73 -12.07 13.26 -0.92
N SER B 74 -13.20 13.88 -1.29
CA SER B 74 -14.45 13.71 -0.52
C SER B 74 -15.16 12.39 -0.74
N LYS B 75 -14.74 11.67 -1.78
CA LYS B 75 -15.33 10.38 -2.11
C LYS B 75 -14.40 9.21 -1.80
N SER B 76 -13.12 9.51 -1.57
CA SER B 76 -12.11 8.51 -1.28
C SER B 76 -11.85 7.69 -2.52
N GLN B 77 -11.63 8.40 -3.61
CA GLN B 77 -11.39 7.75 -4.87
C GLN B 77 -10.30 8.35 -5.66
N VAL B 78 -9.39 7.53 -6.11
CA VAL B 78 -8.30 7.99 -6.93
C VAL B 78 -8.65 7.56 -8.38
N PHE B 79 -8.28 8.34 -9.37
CA PHE B 79 -8.61 7.98 -10.73
C PHE B 79 -7.44 7.89 -11.73
N LEU B 80 -7.23 6.70 -12.28
CA LEU B 80 -6.18 6.46 -13.29
C LEU B 80 -6.89 6.50 -14.62
N LYS B 81 -6.53 7.47 -15.45
CA LYS B 81 -7.18 7.65 -16.73
C LYS B 81 -6.11 7.51 -17.79
N MET B 82 -6.26 6.53 -18.70
CA MET B 82 -5.29 6.32 -19.76
C MET B 82 -5.98 6.47 -21.12
N LYS B 83 -5.34 7.18 -22.05
CA LYS B 83 -5.89 7.38 -23.39
C LYS B 83 -4.92 6.84 -24.40
N SER B 84 -5.39 6.65 -25.64
CA SER B 84 -4.61 6.08 -26.74
C SER B 84 -4.11 4.69 -26.37
N LEU B 85 -5.03 3.89 -25.83
CA LEU B 85 -4.74 2.54 -25.40
C LEU B 85 -4.26 1.68 -26.55
N GLN B 86 -3.28 0.84 -26.26
CA GLN B 86 -2.79 -0.10 -27.23
C GLN B 86 -2.54 -1.42 -26.54
N THR B 87 -2.86 -2.50 -27.25
CA THR B 87 -2.71 -3.87 -26.80
C THR B 87 -1.76 -4.12 -25.66
N ASP B 88 -0.54 -3.60 -25.74
CA ASP B 88 0.46 -3.81 -24.68
C ASP B 88 -0.10 -3.55 -23.26
N ASP B 89 -1.04 -2.61 -23.18
CA ASP B 89 -1.70 -2.21 -21.94
C ASP B 89 -2.46 -3.30 -21.25
N THR B 90 -2.53 -4.46 -21.85
CA THR B 90 -3.25 -5.51 -21.17
C THR B 90 -2.35 -5.84 -20.01
N ALA B 91 -2.87 -5.72 -18.80
CA ALA B 91 -2.08 -6.01 -17.60
C ALA B 91 -2.98 -5.94 -16.35
N MET B 92 -2.40 -6.23 -15.18
CA MET B 92 -3.15 -6.12 -13.94
C MET B 92 -2.80 -4.70 -13.48
N TYR B 93 -3.82 -3.95 -13.06
CA TYR B 93 -3.63 -2.59 -12.60
C TYR B 93 -3.91 -2.57 -11.12
N TYR B 94 -2.92 -2.09 -10.37
CA TYR B 94 -2.98 -2.03 -8.89
C TYR B 94 -2.75 -0.63 -8.37
N CYS B 95 -3.31 -0.36 -7.20
CA CYS B 95 -3.07 0.93 -6.61
C CYS B 95 -2.61 0.57 -5.22
N ALA B 96 -1.54 1.21 -4.78
CA ALA B 96 -0.99 0.91 -3.47
C ALA B 96 -0.78 2.22 -2.72
N ARG B 97 -0.94 2.17 -1.40
CA ARG B 97 -0.82 3.36 -0.58
C ARG B 97 0.57 3.83 -0.39
N ASP B 98 0.74 5.13 -0.46
CA ASP B 98 2.05 5.73 -0.28
C ASP B 98 2.18 6.03 1.18
N PHE B 99 3.30 5.62 1.78
CA PHE B 99 3.56 5.83 3.19
C PHE B 99 4.88 6.51 3.38
N TYR B 100 4.92 7.39 4.37
CA TYR B 100 6.11 8.14 4.72
C TYR B 100 6.21 8.12 6.22
N ASP B 101 7.39 7.79 6.72
CA ASP B 101 7.63 7.76 8.15
C ASP B 101 8.26 9.10 8.54
N TYR B 102 7.64 9.76 9.50
CA TYR B 102 8.08 11.06 9.98
C TYR B 102 9.29 11.05 10.89
N ASP B 103 9.54 9.92 11.53
CA ASP B 103 10.64 9.79 12.46
C ASP B 103 11.97 9.31 11.86
N VAL B 104 11.90 8.52 10.80
CA VAL B 104 13.10 7.99 10.14
C VAL B 104 13.22 8.54 8.72
N PHE B 105 12.16 9.18 8.25
CA PHE B 105 12.14 9.83 6.95
C PHE B 105 12.35 8.96 5.70
N TYR B 106 11.47 7.98 5.45
CA TYR B 106 11.56 7.13 4.26
C TYR B 106 10.19 6.91 3.66
N TYR B 107 10.17 6.67 2.34
CA TYR B 107 8.92 6.42 1.60
C TYR B 107 8.72 4.92 1.50
N ALA B 108 7.49 4.48 1.24
CA ALA B 108 7.21 3.06 1.14
C ALA B 108 5.83 2.85 0.61
N MET B 109 5.64 1.74 -0.08
CA MET B 109 4.33 1.41 -0.61
C MET B 109 3.82 0.32 0.31
N ASP B 110 3.07 0.72 1.34
CA ASP B 110 2.56 -0.28 2.28
C ASP B 110 1.29 -1.03 1.92
N TYR B 111 0.19 -0.34 1.59
CA TYR B 111 -1.02 -1.09 1.28
C TYR B 111 -1.34 -1.24 -0.17
N TRP B 112 -1.19 -2.46 -0.63
CA TRP B 112 -1.46 -2.75 -2.03
C TRP B 112 -2.93 -3.10 -2.19
N GLY B 113 -3.49 -2.79 -3.36
CA GLY B 113 -4.89 -3.08 -3.63
C GLY B 113 -5.01 -4.52 -4.05
N GLN B 114 -6.20 -4.97 -4.41
CA GLN B 114 -6.38 -6.36 -4.84
C GLN B 114 -6.04 -6.50 -6.31
N GLY B 115 -6.19 -5.41 -7.05
CA GLY B 115 -5.89 -5.43 -8.48
C GLY B 115 -7.11 -5.62 -9.34
N THR B 116 -7.00 -5.19 -10.59
CA THR B 116 -8.08 -5.33 -11.53
C THR B 116 -7.46 -5.51 -12.93
N SER B 117 -7.84 -6.62 -13.57
CA SER B 117 -7.38 -7.02 -14.90
C SER B 117 -7.97 -6.21 -16.06
N VAL B 118 -7.15 -5.80 -17.00
CA VAL B 118 -7.67 -5.05 -18.14
C VAL B 118 -7.09 -5.60 -19.43
N THR B 119 -7.96 -6.07 -20.31
CA THR B 119 -7.49 -6.58 -21.59
C THR B 119 -7.83 -5.56 -22.70
N VAL B 120 -6.84 -5.25 -23.52
CA VAL B 120 -7.08 -4.32 -24.61
C VAL B 120 -7.10 -5.15 -25.89
N SER B 121 -8.31 -5.40 -26.38
CA SER B 121 -8.55 -6.24 -27.56
C SER B 121 -9.65 -5.69 -28.43
N SER B 122 -9.47 -5.82 -29.73
CA SER B 122 -10.49 -5.36 -30.67
C SER B 122 -11.29 -6.56 -31.18
N ALA B 123 -11.18 -7.70 -30.51
CA ALA B 123 -11.87 -8.91 -30.94
C ALA B 123 -13.29 -9.12 -30.46
N LYS B 124 -14.12 -9.64 -31.35
CA LYS B 124 -15.50 -9.93 -31.01
C LYS B 124 -15.52 -11.34 -30.42
N THR B 125 -16.53 -11.60 -29.61
CA THR B 125 -16.68 -12.89 -29.00
C THR B 125 -16.69 -13.94 -30.09
N THR B 126 -15.66 -14.78 -30.18
CA THR B 126 -15.70 -15.82 -31.22
C THR B 126 -15.44 -17.19 -30.65
N PRO B 127 -16.36 -18.14 -30.88
CA PRO B 127 -16.24 -19.51 -30.39
C PRO B 127 -14.93 -20.11 -30.89
N PRO B 128 -14.43 -21.15 -30.20
CA PRO B 128 -13.18 -21.83 -30.55
C PRO B 128 -13.37 -22.96 -31.59
N SER B 129 -12.42 -23.13 -32.51
CA SER B 129 -12.49 -24.25 -33.45
C SER B 129 -11.71 -25.33 -32.72
N VAL B 130 -12.23 -26.56 -32.68
CA VAL B 130 -11.56 -27.61 -31.91
C VAL B 130 -11.03 -28.78 -32.73
N TYR B 131 -9.70 -28.85 -32.89
CA TYR B 131 -9.04 -29.93 -33.66
C TYR B 131 -8.53 -31.00 -32.71
N PRO B 132 -8.85 -32.27 -32.99
CA PRO B 132 -8.42 -33.39 -32.16
C PRO B 132 -6.97 -33.73 -32.41
N LEU B 133 -6.28 -34.22 -31.36
CA LEU B 133 -4.87 -34.59 -31.48
C LEU B 133 -4.61 -36.04 -31.07
N ALA B 134 -4.17 -36.85 -32.04
CA ALA B 134 -3.86 -38.25 -31.79
C ALA B 134 -2.37 -38.41 -32.08
N PRO B 135 -1.75 -39.44 -31.51
CA PRO B 135 -0.34 -39.82 -31.60
C PRO B 135 0.34 -39.81 -32.96
N GLY B 136 -0.23 -40.56 -33.90
CA GLY B 136 0.35 -40.63 -35.24
C GLY B 136 1.57 -41.53 -35.40
N SER B 137 2.62 -41.25 -34.64
CA SER B 137 3.84 -42.04 -34.69
C SER B 137 3.79 -43.11 -33.59
N ALA B 138 3.18 -44.25 -33.89
CA ALA B 138 3.04 -45.33 -32.91
C ALA B 138 4.34 -46.07 -32.59
N ALA B 139 5.11 -45.52 -31.67
CA ALA B 139 6.38 -46.12 -31.25
C ALA B 139 6.14 -47.37 -30.40
N GLN B 140 4.91 -47.52 -29.91
CA GLN B 140 4.50 -48.65 -29.08
C GLN B 140 5.33 -48.76 -27.79
N THR B 141 5.91 -47.63 -27.36
CA THR B 141 6.76 -47.57 -26.16
C THR B 141 6.16 -48.23 -24.92
N ASN B 142 5.12 -47.62 -24.36
CA ASN B 142 4.52 -48.17 -23.16
C ASN B 142 3.01 -48.16 -23.19
N SER B 143 2.40 -48.77 -22.17
CA SER B 143 0.95 -48.89 -22.05
C SER B 143 0.14 -47.60 -21.92
N MET B 144 0.80 -46.45 -21.86
CA MET B 144 0.08 -45.19 -21.71
C MET B 144 0.04 -44.28 -22.93
N VAL B 145 -1.00 -44.42 -23.75
CA VAL B 145 -1.14 -43.58 -24.93
C VAL B 145 -1.73 -42.27 -24.46
N THR B 146 -1.28 -41.17 -25.06
CA THR B 146 -1.73 -39.83 -24.67
C THR B 146 -2.42 -39.05 -25.79
N LEU B 147 -3.70 -38.76 -25.62
CA LEU B 147 -4.45 -38.03 -26.63
C LEU B 147 -4.44 -36.54 -26.32
N GLY B 148 -4.74 -35.72 -27.33
CA GLY B 148 -4.76 -34.28 -27.16
C GLY B 148 -5.98 -33.66 -27.82
N CYS B 149 -6.12 -32.34 -27.70
CA CYS B 149 -7.28 -31.63 -28.25
C CYS B 149 -7.01 -30.14 -28.31
N LEU B 150 -6.71 -29.62 -29.49
CA LEU B 150 -6.41 -28.18 -29.64
C LEU B 150 -7.67 -27.30 -29.67
N VAL B 151 -7.76 -26.33 -28.78
CA VAL B 151 -8.90 -25.44 -28.79
C VAL B 151 -8.40 -24.14 -29.39
N LYS B 152 -8.54 -24.02 -30.71
CA LYS B 152 -8.05 -22.85 -31.42
C LYS B 152 -8.91 -21.63 -31.40
N GLY B 153 -8.23 -20.49 -31.55
CA GLY B 153 -8.80 -19.15 -31.58
C GLY B 153 -10.20 -18.73 -31.15
N TYR B 154 -10.44 -18.69 -29.86
CA TYR B 154 -11.71 -18.25 -29.33
C TYR B 154 -11.43 -16.96 -28.58
N PHE B 155 -12.49 -16.34 -28.08
CA PHE B 155 -12.42 -15.10 -27.32
C PHE B 155 -13.84 -14.86 -26.85
N PRO B 156 -13.99 -14.47 -25.59
CA PRO B 156 -12.92 -14.23 -24.62
C PRO B 156 -12.71 -15.49 -23.81
N GLU B 157 -11.96 -15.38 -22.71
CA GLU B 157 -11.74 -16.54 -21.84
C GLU B 157 -12.96 -16.68 -20.95
N PRO B 158 -13.19 -17.86 -20.36
CA PRO B 158 -12.48 -19.12 -20.46
C PRO B 158 -13.28 -20.12 -21.26
N VAL B 159 -12.65 -21.25 -21.56
CA VAL B 159 -13.30 -22.35 -22.26
C VAL B 159 -13.27 -23.43 -21.18
N THR B 160 -13.97 -24.53 -21.41
CA THR B 160 -14.03 -25.64 -20.44
C THR B 160 -13.80 -26.99 -21.13
N VAL B 161 -12.56 -27.48 -21.08
CA VAL B 161 -12.25 -28.77 -21.69
C VAL B 161 -12.61 -29.85 -20.71
N THR B 162 -13.05 -30.97 -21.27
CA THR B 162 -13.51 -32.11 -20.51
C THR B 162 -13.40 -33.28 -21.44
N TRP B 163 -13.04 -34.45 -20.93
CA TRP B 163 -12.93 -35.62 -21.75
C TRP B 163 -14.02 -36.59 -21.34
N ASN B 164 -14.69 -37.14 -22.33
CA ASN B 164 -15.77 -38.07 -22.12
C ASN B 164 -16.74 -37.57 -21.08
N SER B 165 -16.97 -36.26 -21.15
CA SER B 165 -17.89 -35.58 -20.29
C SER B 165 -17.61 -35.76 -18.81
N GLY B 166 -16.37 -36.08 -18.47
CA GLY B 166 -16.03 -36.28 -17.08
C GLY B 166 -15.63 -37.71 -16.74
N SER B 167 -15.97 -38.69 -17.58
CA SER B 167 -15.58 -40.05 -17.28
C SER B 167 -14.05 -40.13 -17.13
N LEU B 168 -13.32 -39.47 -18.03
CA LEU B 168 -11.88 -39.50 -17.90
C LEU B 168 -11.50 -38.33 -17.03
N SER B 169 -10.73 -38.62 -15.99
CA SER B 169 -10.30 -37.60 -15.04
C SER B 169 -8.81 -37.77 -14.77
N SER B 170 -8.38 -39.02 -14.67
CA SER B 170 -6.99 -39.33 -14.42
C SER B 170 -6.06 -38.71 -15.46
N GLY B 171 -5.31 -37.70 -15.05
CA GLY B 171 -4.38 -37.06 -15.97
C GLY B 171 -5.05 -36.40 -17.13
N VAL B 172 -5.81 -35.36 -16.85
CA VAL B 172 -6.50 -34.67 -17.91
C VAL B 172 -5.78 -33.39 -18.31
N HIS B 173 -4.67 -33.10 -17.62
CA HIS B 173 -3.83 -31.92 -17.88
C HIS B 173 -4.35 -30.90 -18.89
N THR B 174 -4.93 -29.79 -18.43
CA THR B 174 -5.40 -28.80 -19.39
C THR B 174 -4.61 -27.53 -19.20
N PHE B 175 -3.76 -27.23 -20.17
CA PHE B 175 -2.87 -26.07 -20.11
C PHE B 175 -3.53 -24.71 -20.21
N PRO B 176 -2.78 -23.64 -19.85
CA PRO B 176 -3.31 -22.28 -19.93
C PRO B 176 -3.34 -21.75 -21.36
N ALA B 177 -4.28 -20.87 -21.64
CA ALA B 177 -4.41 -20.34 -22.98
C ALA B 177 -3.24 -19.43 -23.29
N VAL B 178 -2.98 -19.25 -24.58
CA VAL B 178 -1.93 -18.35 -25.04
C VAL B 178 -2.63 -17.33 -25.91
N LEU B 179 -1.87 -16.40 -26.47
CA LEU B 179 -2.45 -15.37 -27.28
C LEU B 179 -1.82 -15.24 -28.67
N GLN B 180 -2.07 -16.23 -29.51
CA GLN B 180 -1.57 -16.23 -30.87
C GLN B 180 -2.53 -15.31 -31.61
N SER B 181 -1.98 -14.45 -32.45
CA SER B 181 -2.79 -13.51 -33.21
C SER B 181 -3.52 -12.59 -32.22
N ASP B 182 -4.82 -12.79 -32.08
CA ASP B 182 -5.62 -11.97 -31.18
C ASP B 182 -6.69 -12.75 -30.47
N LEU B 183 -6.57 -14.07 -30.50
CA LEU B 183 -7.57 -14.88 -29.84
C LEU B 183 -6.83 -15.88 -28.98
N TYR B 184 -7.53 -16.49 -28.03
CA TYR B 184 -6.91 -17.45 -27.13
C TYR B 184 -6.88 -18.88 -27.62
N THR B 185 -5.70 -19.48 -27.80
CA THR B 185 -5.70 -20.90 -28.19
C THR B 185 -5.23 -21.63 -26.95
N LEU B 186 -5.72 -22.86 -26.77
CA LEU B 186 -5.40 -23.64 -25.57
C LEU B 186 -5.47 -25.11 -25.93
N SER B 187 -4.94 -25.98 -25.08
CA SER B 187 -4.99 -27.40 -25.36
C SER B 187 -5.15 -28.21 -24.09
N SER B 188 -5.54 -29.47 -24.21
CA SER B 188 -5.78 -30.35 -23.06
C SER B 188 -5.49 -31.79 -23.45
N SER B 189 -4.80 -32.53 -22.60
CA SER B 189 -4.49 -33.91 -22.94
C SER B 189 -4.84 -34.91 -21.87
N VAL B 190 -5.36 -36.06 -22.29
CA VAL B 190 -5.70 -37.12 -21.36
C VAL B 190 -4.86 -38.31 -21.76
N THR B 191 -4.42 -39.05 -20.76
CA THR B 191 -3.61 -40.23 -20.98
C THR B 191 -4.41 -41.45 -20.60
N VAL B 192 -4.40 -42.42 -21.49
CA VAL B 192 -5.13 -43.66 -21.28
C VAL B 192 -4.23 -44.83 -21.66
N PRO B 193 -4.65 -46.06 -21.32
CA PRO B 193 -3.93 -47.30 -21.62
C PRO B 193 -4.15 -47.70 -23.09
N SER B 194 -3.14 -48.33 -23.70
CA SER B 194 -3.24 -48.76 -25.09
C SER B 194 -4.40 -49.73 -25.24
N SER B 195 -4.78 -50.34 -24.12
CA SER B 195 -5.89 -51.29 -24.09
C SER B 195 -7.13 -50.50 -23.72
N THR B 196 -7.36 -49.42 -24.44
CA THR B 196 -8.50 -48.53 -24.21
C THR B 196 -8.71 -47.67 -25.45
N TRP B 197 -7.62 -47.43 -26.18
CA TRP B 197 -7.65 -46.61 -27.37
C TRP B 197 -6.82 -47.28 -28.45
N PRO B 198 -7.36 -47.43 -29.67
CA PRO B 198 -8.69 -47.03 -30.17
C PRO B 198 -9.89 -47.92 -29.75
N SER B 199 -9.62 -48.92 -28.92
CA SER B 199 -10.67 -49.83 -28.44
C SER B 199 -11.94 -49.06 -28.07
N GLU B 200 -11.79 -48.13 -27.15
CA GLU B 200 -12.90 -47.31 -26.67
C GLU B 200 -12.78 -45.90 -27.22
N THR B 201 -13.89 -45.16 -27.21
CA THR B 201 -13.88 -43.80 -27.71
C THR B 201 -13.50 -42.87 -26.57
N VAL B 202 -12.58 -41.97 -26.85
CA VAL B 202 -12.15 -40.97 -25.88
C VAL B 202 -12.57 -39.71 -26.58
N THR B 203 -13.55 -39.01 -26.02
CA THR B 203 -14.03 -37.80 -26.66
C THR B 203 -13.70 -36.53 -25.92
N CYS B 204 -13.52 -35.47 -26.69
CA CYS B 204 -13.13 -34.16 -26.21
C CYS B 204 -14.34 -33.24 -26.16
N ASN B 205 -14.50 -32.46 -25.09
CA ASN B 205 -15.67 -31.57 -24.99
C ASN B 205 -15.23 -30.16 -24.71
N VAL B 206 -15.65 -29.22 -25.54
CA VAL B 206 -15.23 -27.86 -25.34
C VAL B 206 -16.39 -26.90 -25.31
N ALA B 207 -16.87 -26.56 -24.12
CA ALA B 207 -17.97 -25.62 -23.96
C ALA B 207 -17.34 -24.25 -23.82
N HIS B 208 -17.88 -23.26 -24.51
CA HIS B 208 -17.36 -21.90 -24.42
C HIS B 208 -18.49 -20.95 -24.11
N PRO B 209 -18.79 -20.75 -22.84
CA PRO B 209 -19.82 -19.88 -22.29
C PRO B 209 -20.11 -18.59 -23.05
N ALA B 210 -19.10 -17.75 -23.13
CA ALA B 210 -19.22 -16.46 -23.79
C ALA B 210 -19.91 -16.46 -25.15
N SER B 211 -19.78 -17.54 -25.90
CA SER B 211 -20.38 -17.64 -27.21
C SER B 211 -21.30 -18.84 -27.33
N SER B 212 -21.88 -19.22 -26.20
CA SER B 212 -22.81 -20.33 -26.07
C SER B 212 -22.63 -21.55 -26.95
N THR B 213 -21.40 -21.76 -27.42
CA THR B 213 -21.11 -22.90 -28.29
C THR B 213 -20.50 -23.99 -27.46
N LYS B 214 -20.83 -25.24 -27.79
CA LYS B 214 -20.29 -26.39 -27.07
C LYS B 214 -20.04 -27.53 -28.06
N VAL B 215 -18.78 -27.64 -28.46
CA VAL B 215 -18.29 -28.64 -29.39
C VAL B 215 -17.69 -29.89 -28.75
N ASP B 216 -18.06 -31.06 -29.25
CA ASP B 216 -17.50 -32.30 -28.76
C ASP B 216 -16.75 -32.75 -29.99
N LYS B 217 -15.64 -33.44 -29.82
CA LYS B 217 -14.87 -33.88 -30.96
C LYS B 217 -14.20 -35.20 -30.54
N LYS B 218 -14.54 -36.28 -31.24
CA LYS B 218 -14.03 -37.62 -30.95
C LYS B 218 -12.67 -37.78 -31.56
N ILE B 219 -11.68 -38.08 -30.74
CA ILE B 219 -10.32 -38.24 -31.24
C ILE B 219 -10.06 -39.62 -31.87
N VAL B 220 -9.96 -39.65 -33.20
CA VAL B 220 -9.73 -40.91 -33.91
C VAL B 220 -8.23 -41.10 -33.99
N PRO B 221 -7.80 -42.34 -34.24
CA PRO B 221 -6.39 -42.74 -34.37
C PRO B 221 -5.91 -42.52 -35.80
N VAL C 16 -9.98 33.19 63.37
CA VAL C 16 -9.48 32.92 61.99
C VAL C 16 -9.77 31.47 61.64
N GLN C 17 -10.04 31.22 60.36
CA GLN C 17 -10.30 29.88 59.91
C GLN C 17 -8.89 29.39 59.64
N SER C 18 -8.50 28.30 60.29
CA SER C 18 -7.18 27.73 60.12
C SER C 18 -7.12 26.20 60.06
N SER C 19 -8.03 25.61 59.30
CA SER C 19 -8.05 24.17 59.15
C SER C 19 -9.00 23.69 58.05
N SER C 20 -8.51 22.73 57.27
CA SER C 20 -9.27 22.15 56.19
C SER C 20 -9.68 20.72 56.50
N THR C 21 -10.75 20.27 55.86
CA THR C 21 -11.21 18.89 56.00
C THR C 21 -10.02 18.10 55.51
N GLY C 22 -9.60 18.48 54.30
CA GLY C 22 -8.48 17.84 53.65
C GLY C 22 -8.93 17.41 52.28
N LYS C 23 -10.24 17.42 52.07
CA LYS C 23 -10.80 17.02 50.80
C LYS C 23 -11.37 18.23 50.09
N ILE C 24 -11.68 18.08 48.81
CA ILE C 24 -12.23 19.15 48.03
C ILE C 24 -13.61 18.63 47.69
N CYS C 25 -14.66 19.25 48.24
CA CYS C 25 -16.01 18.77 48.01
C CYS C 25 -16.57 18.94 46.62
N ASN C 26 -17.07 17.84 46.05
CA ASN C 26 -17.61 17.78 44.68
C ASN C 26 -18.80 18.69 44.43
N ASN C 27 -19.43 19.16 45.50
CA ASN C 27 -20.57 20.07 45.41
C ASN C 27 -20.23 21.34 46.18
N PRO C 28 -20.75 22.48 45.73
CA PRO C 28 -21.64 22.66 44.59
C PRO C 28 -21.01 23.20 43.31
N HIS C 29 -19.71 23.49 43.31
CA HIS C 29 -19.08 24.04 42.12
C HIS C 29 -18.72 22.85 41.25
N ARG C 30 -18.81 23.00 39.94
CA ARG C 30 -18.45 21.90 39.04
C ARG C 30 -16.91 21.76 39.06
N ILE C 31 -16.41 20.80 39.84
CA ILE C 31 -14.97 20.53 40.01
C ILE C 31 -14.40 19.46 39.05
N LEU C 32 -13.53 19.84 38.13
CA LEU C 32 -12.96 18.89 37.19
C LEU C 32 -11.55 18.47 37.60
N ASP C 33 -11.42 17.20 37.89
CA ASP C 33 -10.15 16.60 38.26
C ASP C 33 -9.50 16.23 36.95
N GLY C 34 -8.30 16.74 36.70
CA GLY C 34 -7.61 16.39 35.47
C GLY C 34 -6.85 15.07 35.55
N ILE C 35 -6.85 14.49 36.75
CA ILE C 35 -6.15 13.25 37.06
C ILE C 35 -4.73 13.48 36.59
N ASP C 36 -4.27 12.70 35.61
CA ASP C 36 -2.93 12.81 35.08
C ASP C 36 -2.72 13.70 33.86
N CYS C 37 -3.68 14.57 33.57
CA CYS C 37 -3.52 15.49 32.47
C CYS C 37 -3.51 16.88 33.06
N THR C 38 -2.64 17.75 32.57
CA THR C 38 -2.69 19.09 33.06
C THR C 38 -3.70 19.73 32.13
N LEU C 39 -4.01 21.01 32.34
CA LEU C 39 -4.96 21.65 31.48
C LEU C 39 -4.35 21.71 30.08
N ILE C 40 -3.25 22.44 29.89
CA ILE C 40 -2.61 22.56 28.54
C ILE C 40 -2.52 21.24 27.71
N ASP C 41 -2.25 20.11 28.38
CA ASP C 41 -2.18 18.83 27.67
C ASP C 41 -3.56 18.42 27.19
N ALA C 42 -4.56 18.62 28.05
CA ALA C 42 -5.93 18.32 27.73
C ALA C 42 -6.36 19.26 26.61
N LEU C 43 -5.88 20.52 26.64
CA LEU C 43 -6.23 21.52 25.62
C LEU C 43 -5.71 21.15 24.20
N LEU C 44 -4.40 20.96 24.09
CA LEU C 44 -3.77 20.61 22.82
C LEU C 44 -4.32 19.25 22.43
N GLY C 45 -4.57 18.43 23.42
CA GLY C 45 -5.11 17.14 23.11
C GLY C 45 -4.10 16.04 23.07
N ASP C 46 -3.48 15.82 24.23
CA ASP C 46 -2.51 14.76 24.40
C ASP C 46 -3.40 13.54 24.38
N PRO C 47 -3.06 12.53 23.57
CA PRO C 47 -3.84 11.31 23.47
C PRO C 47 -4.47 10.84 24.77
N HIS C 48 -3.75 10.93 25.89
CA HIS C 48 -4.35 10.48 27.17
C HIS C 48 -5.28 11.44 27.88
N CYS C 49 -5.63 12.52 27.21
CA CYS C 49 -6.55 13.52 27.78
C CYS C 49 -7.70 13.64 26.80
N ASP C 50 -7.83 12.65 25.93
CA ASP C 50 -8.89 12.68 24.96
C ASP C 50 -10.21 12.70 25.71
N VAL C 51 -10.21 12.24 26.96
CA VAL C 51 -11.41 12.26 27.76
C VAL C 51 -11.90 13.63 28.17
N PHE C 52 -10.98 14.60 28.26
CA PHE C 52 -11.37 15.94 28.67
C PHE C 52 -11.98 16.78 27.55
N GLN C 53 -12.07 16.21 26.36
CA GLN C 53 -12.62 16.95 25.23
C GLN C 53 -13.99 17.56 25.52
N ASP C 54 -14.10 18.84 25.15
CA ASP C 54 -15.32 19.62 25.32
C ASP C 54 -15.81 19.72 26.75
N GLU C 55 -14.99 19.28 27.71
CA GLU C 55 -15.35 19.34 29.10
C GLU C 55 -15.51 20.81 29.58
N THR C 56 -16.12 20.99 30.75
CA THR C 56 -16.44 22.31 31.31
C THR C 56 -16.32 22.31 32.84
N TRP C 57 -16.00 23.44 33.44
CA TRP C 57 -15.80 23.46 34.90
C TRP C 57 -15.87 24.86 35.52
N ASP C 58 -15.86 24.88 36.84
CA ASP C 58 -15.85 26.11 37.62
C ASP C 58 -14.44 26.13 38.17
N LEU C 59 -13.98 24.96 38.58
CA LEU C 59 -12.68 24.86 39.14
C LEU C 59 -12.07 23.61 38.55
N PHE C 60 -10.87 23.75 37.99
CA PHE C 60 -10.14 22.64 37.42
C PHE C 60 -8.92 22.45 38.29
N VAL C 61 -8.88 21.32 39.00
CA VAL C 61 -7.75 20.96 39.89
C VAL C 61 -6.71 20.13 39.12
N GLU C 62 -5.46 20.58 39.04
CA GLU C 62 -4.39 19.80 38.40
C GLU C 62 -3.64 19.01 39.48
N ARG C 63 -3.46 17.71 39.30
CA ARG C 63 -2.79 16.88 40.29
C ARG C 63 -1.32 16.86 40.03
N SER C 64 -0.57 16.07 40.79
CA SER C 64 0.89 15.96 40.59
C SER C 64 1.26 14.93 39.52
N LYS C 65 0.61 13.77 39.56
CA LYS C 65 0.79 12.70 38.59
C LYS C 65 1.10 13.23 37.18
N ALA C 66 0.25 14.14 36.72
CA ALA C 66 0.31 14.79 35.42
C ALA C 66 1.60 14.72 34.65
N PHE C 67 1.57 14.08 33.50
CA PHE C 67 2.76 13.94 32.69
C PHE C 67 2.31 14.00 31.25
N SER C 68 3.01 14.75 30.42
CA SER C 68 2.63 14.78 29.02
C SER C 68 3.08 13.44 28.48
N ASN C 69 2.80 13.17 27.21
CA ASN C 69 3.19 11.90 26.62
C ASN C 69 2.86 11.97 25.15
N CYS C 70 3.41 12.97 24.47
CA CYS C 70 3.20 13.20 23.05
C CYS C 70 4.39 14.05 22.58
N TYR C 71 4.33 14.57 21.36
CA TYR C 71 5.44 15.34 20.78
C TYR C 71 6.00 16.42 21.70
N PRO C 72 7.30 16.35 22.01
CA PRO C 72 8.01 17.29 22.89
C PRO C 72 7.72 18.72 22.46
N TYR C 73 7.15 19.51 23.35
CA TYR C 73 6.80 20.88 23.02
C TYR C 73 7.06 21.80 24.19
N ASP C 74 7.15 23.08 23.91
CA ASP C 74 7.36 24.06 24.96
C ASP C 74 6.42 25.19 24.63
N VAL C 75 5.82 25.78 25.67
CA VAL C 75 4.89 26.87 25.51
C VAL C 75 5.41 28.16 26.15
N PRO C 76 5.96 29.11 25.34
CA PRO C 76 6.44 30.35 25.95
C PRO C 76 5.17 31.12 26.25
N ASP C 77 5.08 31.70 27.44
CA ASP C 77 3.86 32.43 27.82
C ASP C 77 2.84 31.36 28.22
N TYR C 78 3.35 30.31 28.84
CA TYR C 78 2.57 29.17 29.31
C TYR C 78 1.59 29.57 30.39
N ALA C 79 2.13 29.97 31.53
CA ALA C 79 1.33 30.34 32.69
C ALA C 79 0.26 31.37 32.37
N SER C 80 0.48 32.13 31.30
CA SER C 80 -0.46 33.14 30.87
C SER C 80 -1.56 32.51 30.00
N LEU C 81 -1.16 31.66 29.05
CA LEU C 81 -2.09 30.95 28.15
C LEU C 81 -2.89 29.96 28.98
N ARG C 82 -2.22 29.38 29.99
CA ARG C 82 -2.84 28.47 30.91
C ARG C 82 -3.97 29.19 31.66
N SER C 83 -3.69 30.37 32.19
CA SER C 83 -4.70 31.14 32.94
C SER C 83 -5.88 31.63 32.11
N LEU C 84 -5.60 32.09 30.90
CA LEU C 84 -6.68 32.56 30.03
C LEU C 84 -7.68 31.41 29.78
N VAL C 85 -7.19 30.19 29.55
CA VAL C 85 -8.09 29.08 29.33
C VAL C 85 -8.78 28.68 30.63
N ALA C 86 -8.02 28.59 31.70
CA ALA C 86 -8.58 28.18 32.99
C ALA C 86 -9.78 29.01 33.38
N SER C 87 -9.70 30.33 33.16
CA SER C 87 -10.76 31.28 33.49
C SER C 87 -12.03 31.06 32.69
N SER C 88 -11.88 30.94 31.38
CA SER C 88 -12.99 30.68 30.47
C SER C 88 -13.76 29.44 30.88
N GLY C 89 -13.12 28.53 31.60
CA GLY C 89 -13.82 27.37 32.09
C GLY C 89 -14.49 26.38 31.16
N THR C 90 -14.36 26.55 29.85
CA THR C 90 -14.93 25.59 28.92
C THR C 90 -13.77 25.15 28.08
N LEU C 91 -13.84 23.95 27.54
CA LEU C 91 -12.77 23.40 26.67
C LEU C 91 -13.39 23.09 25.31
N GLU C 92 -14.53 23.73 25.03
CA GLU C 92 -15.30 23.53 23.81
C GLU C 92 -14.56 23.86 22.53
N PHE C 93 -14.15 22.85 21.79
CA PHE C 93 -13.44 23.09 20.56
C PHE C 93 -14.43 23.12 19.41
N ILE C 94 -14.19 23.94 18.40
CA ILE C 94 -15.06 24.02 17.23
C ILE C 94 -14.23 23.81 15.94
N THR C 95 -14.36 22.66 15.29
CA THR C 95 -13.59 22.48 14.07
C THR C 95 -14.00 23.47 13.01
N GLU C 96 -13.08 23.80 12.10
CA GLU C 96 -13.36 24.73 11.01
C GLU C 96 -12.79 24.19 9.71
N GLY C 97 -13.30 24.74 8.62
CA GLY C 97 -12.88 24.25 7.33
C GLY C 97 -11.59 24.80 6.78
N PHE C 98 -10.45 24.55 7.42
CA PHE C 98 -9.22 25.08 6.86
C PHE C 98 -8.92 24.36 5.54
N THR C 99 -8.40 25.11 4.58
CA THR C 99 -8.08 24.57 3.26
C THR C 99 -6.60 24.65 2.92
N TRP C 100 -5.91 23.55 3.15
CA TRP C 100 -4.48 23.47 2.88
C TRP C 100 -4.30 22.74 1.55
N THR C 101 -4.08 23.49 0.48
CA THR C 101 -3.87 22.84 -0.82
C THR C 101 -2.42 22.93 -1.25
N GLY C 102 -1.80 21.76 -1.40
CA GLY C 102 -0.42 21.70 -1.81
C GLY C 102 0.49 21.04 -0.77
N VAL C 103 -0.06 20.74 0.40
CA VAL C 103 0.73 20.09 1.44
C VAL C 103 0.00 18.83 1.91
N THR C 104 0.72 17.94 2.57
CA THR C 104 0.14 16.70 3.10
C THR C 104 -0.25 16.98 4.53
N GLN C 105 -1.51 16.77 4.85
CA GLN C 105 -1.95 17.01 6.21
C GLN C 105 -1.78 15.80 7.15
N ASN C 106 -2.49 15.88 8.28
CA ASN C 106 -2.52 14.85 9.29
C ASN C 106 -1.21 14.21 9.79
N GLY C 107 -0.11 14.95 9.70
CA GLY C 107 1.17 14.43 10.15
C GLY C 107 1.12 13.87 11.55
N GLY C 108 2.07 13.00 11.90
CA GLY C 108 2.08 12.42 13.23
C GLY C 108 3.39 11.74 13.58
N SER C 109 3.49 11.21 14.79
CA SER C 109 4.72 10.56 15.20
C SER C 109 4.61 9.44 16.24
N ASN C 110 5.71 8.71 16.38
CA ASN C 110 5.81 7.59 17.29
C ASN C 110 5.93 8.05 18.71
N ALA C 111 6.29 9.31 18.92
CA ALA C 111 6.43 9.81 20.28
C ALA C 111 5.07 10.15 20.83
N CYS C 112 4.03 9.97 20.02
CA CYS C 112 2.68 10.31 20.41
C CYS C 112 1.74 9.32 19.76
N LYS C 113 2.00 8.04 19.94
CA LYS C 113 1.17 7.00 19.32
C LYS C 113 -0.31 7.05 19.66
N ARG C 114 -1.11 6.64 18.69
CA ARG C 114 -2.56 6.60 18.79
C ARG C 114 -3.11 5.42 17.96
N GLY C 115 -3.99 4.63 18.56
CA GLY C 115 -4.54 3.49 17.86
C GLY C 115 -3.40 2.52 17.63
N PRO C 116 -3.11 2.19 16.37
CA PRO C 116 -2.05 1.27 15.93
C PRO C 116 -0.64 1.86 15.81
N GLY C 117 -0.53 3.18 15.63
CA GLY C 117 0.78 3.77 15.47
C GLY C 117 0.87 5.27 15.65
N SER C 118 1.67 5.91 14.80
CA SER C 118 1.90 7.35 14.82
C SER C 118 0.68 8.19 15.17
N GLY C 119 0.88 9.11 16.12
CA GLY C 119 -0.18 9.99 16.55
C GLY C 119 0.34 11.40 16.80
N PHE C 120 -0.54 12.28 17.24
CA PHE C 120 -0.17 13.67 17.48
C PHE C 120 -1.31 14.29 18.29
N PHE C 121 -1.21 15.58 18.56
CA PHE C 121 -2.25 16.28 19.33
C PHE C 121 -3.55 16.34 18.54
N SER C 122 -4.64 15.90 19.15
CA SER C 122 -5.93 15.91 18.44
C SER C 122 -6.33 17.29 17.95
N ARG C 123 -6.04 18.32 18.71
CA ARG C 123 -6.44 19.62 18.28
C ARG C 123 -5.48 20.35 17.33
N LEU C 124 -4.45 19.65 16.85
CA LEU C 124 -3.48 20.27 15.95
C LEU C 124 -3.34 19.48 14.64
N ASN C 125 -2.92 20.15 13.57
CA ASN C 125 -2.76 19.49 12.28
C ASN C 125 -1.38 19.79 11.73
N TRP C 126 -0.51 18.77 11.75
CA TRP C 126 0.87 18.86 11.27
C TRP C 126 0.90 18.84 9.76
N LEU C 127 1.33 19.91 9.13
CA LEU C 127 1.38 19.91 7.66
C LEU C 127 2.81 19.63 7.35
N ILE C 128 3.03 19.05 6.20
CA ILE C 128 4.37 18.72 5.73
C ILE C 128 4.29 18.76 4.20
N LYS C 129 5.42 18.68 3.50
CA LYS C 129 5.44 18.73 2.03
C LYS C 129 4.52 17.77 1.36
N SER C 130 4.24 18.03 0.09
CA SER C 130 3.42 17.13 -0.69
C SER C 130 4.30 16.70 -1.84
N GLY C 131 5.05 15.62 -1.62
CA GLY C 131 5.96 15.16 -2.65
C GLY C 131 7.06 16.18 -2.85
N SER C 132 7.29 16.55 -4.10
CA SER C 132 8.34 17.47 -4.46
C SER C 132 8.37 18.82 -3.75
N THR C 133 7.22 19.31 -3.28
CA THR C 133 7.20 20.64 -2.68
C THR C 133 6.30 20.98 -1.53
N TYR C 134 6.56 22.17 -0.99
CA TYR C 134 5.82 22.80 0.11
C TYR C 134 5.52 24.22 -0.43
N PRO C 135 4.29 24.46 -0.89
CA PRO C 135 3.94 25.78 -1.43
C PRO C 135 3.94 26.82 -0.35
N VAL C 136 3.84 28.09 -0.77
CA VAL C 136 3.78 29.16 0.21
C VAL C 136 2.33 29.27 0.66
N LEU C 137 1.98 28.56 1.74
CA LEU C 137 0.65 28.54 2.33
C LEU C 137 0.22 29.93 2.73
N ASP C 138 -1.07 30.21 2.63
CA ASP C 138 -1.59 31.49 2.99
C ASP C 138 -3.10 31.50 3.15
N VAL C 139 -3.62 30.78 4.13
CA VAL C 139 -5.07 30.77 4.31
C VAL C 139 -5.53 31.98 5.13
N THR C 140 -6.83 32.19 5.14
CA THR C 140 -7.44 33.28 5.84
C THR C 140 -8.78 32.76 6.31
N MET C 141 -9.15 33.07 7.55
CA MET C 141 -10.42 32.59 8.08
C MET C 141 -11.01 33.72 8.89
N PRO C 142 -12.17 34.23 8.46
CA PRO C 142 -12.89 35.33 9.11
C PRO C 142 -13.77 34.96 10.30
N ASN C 143 -13.72 35.77 11.36
CA ASN C 143 -14.54 35.49 12.53
C ASN C 143 -15.79 36.30 12.36
N ASN C 144 -16.83 35.69 11.81
CA ASN C 144 -18.08 36.40 11.58
C ASN C 144 -18.97 36.34 12.80
N ASP C 145 -18.72 35.39 13.69
CA ASP C 145 -19.53 35.23 14.88
C ASP C 145 -19.57 36.40 15.86
N ASN C 146 -20.35 36.20 16.93
CA ASN C 146 -20.56 37.20 17.99
C ASN C 146 -19.83 36.86 19.29
N PHE C 147 -18.71 36.18 19.17
CA PHE C 147 -17.90 35.82 20.31
C PHE C 147 -16.45 35.70 19.83
N ASP C 148 -15.51 35.86 20.74
CA ASP C 148 -14.10 35.77 20.40
C ASP C 148 -13.69 34.37 20.09
N LYS C 149 -12.65 34.24 19.28
CA LYS C 149 -12.14 32.94 18.93
C LYS C 149 -10.73 32.88 19.48
N LEU C 150 -10.35 31.74 20.05
CA LEU C 150 -8.98 31.58 20.55
C LEU C 150 -8.27 30.49 19.77
N TYR C 151 -7.68 30.81 18.61
CA TYR C 151 -6.94 29.80 17.85
C TYR C 151 -5.63 29.51 18.59
N ILE C 152 -5.12 28.30 18.38
CA ILE C 152 -3.87 27.84 18.98
C ILE C 152 -3.06 27.21 17.86
N TRP C 153 -1.82 27.61 17.71
CA TRP C 153 -1.05 26.99 16.66
C TRP C 153 0.32 26.70 17.17
N GLY C 154 1.22 26.34 16.27
CA GLY C 154 2.57 26.04 16.70
C GLY C 154 3.50 26.09 15.52
N ILE C 155 4.78 26.13 15.83
CA ILE C 155 5.86 26.16 14.85
C ILE C 155 6.72 24.95 15.22
N HIS C 156 7.27 24.27 14.21
CA HIS C 156 8.12 23.10 14.44
C HIS C 156 9.59 23.48 14.26
N HIS C 157 10.44 23.01 15.16
CA HIS C 157 11.88 23.27 15.09
C HIS C 157 12.63 21.96 14.86
N PRO C 158 12.89 21.60 13.61
CA PRO C 158 13.62 20.34 13.43
C PRO C 158 15.00 20.52 14.05
N SER C 159 15.64 19.43 14.42
CA SER C 159 16.95 19.50 15.03
C SER C 159 18.08 19.37 14.01
N THR C 160 17.73 19.32 12.74
CA THR C 160 18.75 19.16 11.73
C THR C 160 18.26 19.76 10.44
N ASN C 161 19.21 20.18 9.60
CA ASN C 161 18.84 20.77 8.33
C ASN C 161 18.32 19.68 7.38
N GLN C 162 18.66 18.43 7.70
CA GLN C 162 18.22 17.24 6.96
C GLN C 162 16.72 17.11 7.19
N GLU C 163 16.35 17.05 8.46
CA GLU C 163 14.95 16.92 8.86
C GLU C 163 14.15 18.05 8.29
N GLN C 164 14.68 19.26 8.45
CA GLN C 164 14.05 20.48 7.96
C GLN C 164 13.64 20.29 6.50
N THR C 165 14.60 19.86 5.69
CA THR C 165 14.37 19.64 4.28
C THR C 165 13.52 18.39 3.91
N SER C 166 13.63 17.29 4.66
CA SER C 166 12.83 16.09 4.38
C SER C 166 11.35 16.44 4.48
N LEU C 167 11.00 17.09 5.58
CA LEU C 167 9.63 17.48 5.86
C LEU C 167 9.12 18.70 5.13
N TYR C 168 9.82 19.84 5.26
CA TYR C 168 9.29 21.03 4.62
C TYR C 168 10.00 21.52 3.38
N VAL C 169 10.95 20.74 2.89
CA VAL C 169 11.72 21.14 1.70
C VAL C 169 12.58 22.38 1.93
N GLN C 170 11.95 23.56 2.02
CA GLN C 170 12.69 24.81 2.28
C GLN C 170 13.75 24.66 3.37
N ALA C 171 14.91 25.25 3.14
CA ALA C 171 16.03 25.18 4.08
C ALA C 171 15.82 25.88 5.41
N SER C 172 14.77 26.69 5.49
CA SER C 172 14.42 27.40 6.73
C SER C 172 13.02 27.94 6.53
N GLY C 173 12.11 27.49 7.39
CA GLY C 173 10.72 27.89 7.29
C GLY C 173 10.36 29.19 8.00
N ARG C 174 9.06 29.49 8.07
CA ARG C 174 8.57 30.70 8.70
C ARG C 174 7.07 30.62 8.91
N VAL C 175 6.59 31.13 10.03
CA VAL C 175 5.15 31.14 10.27
C VAL C 175 4.69 32.53 10.67
N THR C 176 3.73 33.08 9.92
CA THR C 176 3.15 34.40 10.16
C THR C 176 1.64 34.24 10.39
N VAL C 177 1.17 34.57 11.58
CA VAL C 177 -0.23 34.43 11.94
C VAL C 177 -0.81 35.79 12.26
N SER C 178 -1.32 36.48 11.26
CA SER C 178 -1.85 37.83 11.48
C SER C 178 -3.34 37.98 11.47
N THR C 179 -3.80 38.97 12.23
CA THR C 179 -5.20 39.35 12.32
C THR C 179 -5.12 40.81 11.90
N ARG C 180 -6.21 41.57 12.04
CA ARG C 180 -6.18 42.97 11.66
C ARG C 180 -5.35 43.89 12.59
N ARG C 181 -5.17 43.47 13.84
CA ARG C 181 -4.43 44.27 14.79
C ARG C 181 -3.07 43.71 15.22
N SER C 182 -2.85 42.41 15.05
CA SER C 182 -1.59 41.80 15.47
C SER C 182 -0.70 41.38 14.31
N GLN C 183 0.33 40.60 14.62
CA GLN C 183 1.29 40.10 13.63
C GLN C 183 2.49 39.33 14.22
N GLN C 184 2.36 38.02 14.43
CA GLN C 184 3.46 37.19 14.94
C GLN C 184 4.13 36.48 13.77
N THR C 185 5.43 36.69 13.64
CA THR C 185 6.27 36.10 12.61
C THR C 185 7.41 35.41 13.34
N ILE C 186 7.23 34.11 13.60
CA ILE C 186 8.23 33.30 14.28
C ILE C 186 8.92 32.47 13.23
N ILE C 187 10.21 32.29 13.33
CA ILE C 187 10.89 31.47 12.35
C ILE C 187 11.53 30.32 13.11
N PRO C 188 11.41 29.11 12.59
CA PRO C 188 11.96 27.91 13.23
C PRO C 188 13.42 28.09 13.54
N ASN C 189 13.89 27.28 14.47
CA ASN C 189 15.26 27.35 14.89
C ASN C 189 15.79 25.95 14.95
N ILE C 190 16.54 25.56 13.92
CA ILE C 190 17.11 24.22 13.87
C ILE C 190 18.23 24.01 14.89
N GLY C 191 18.25 22.83 15.48
CA GLY C 191 19.27 22.52 16.47
C GLY C 191 18.78 21.34 17.28
N SER C 192 19.68 20.70 18.00
CA SER C 192 19.32 19.54 18.80
C SER C 192 19.06 19.83 20.27
N ARG C 193 17.82 19.66 20.71
CA ARG C 193 17.45 19.84 22.11
C ARG C 193 17.51 18.46 22.79
N PRO C 194 17.43 18.41 24.13
CA PRO C 194 17.50 17.16 24.88
C PRO C 194 16.48 16.15 24.44
N TRP C 195 16.89 14.88 24.47
CA TRP C 195 16.02 13.81 24.06
C TRP C 195 14.84 13.66 24.97
N VAL C 196 13.64 13.59 24.36
CA VAL C 196 12.38 13.38 25.08
C VAL C 196 11.56 12.43 24.24
N ARG C 197 11.23 11.27 24.78
CA ARG C 197 10.49 10.25 24.03
C ARG C 197 11.13 9.99 22.68
N GLY C 198 12.45 9.89 22.70
CA GLY C 198 13.21 9.63 21.49
C GLY C 198 13.44 10.83 20.58
N LEU C 199 13.01 12.01 20.98
CA LEU C 199 13.21 13.17 20.11
C LEU C 199 14.08 14.30 20.64
N SER C 200 14.84 14.87 19.71
CA SER C 200 15.74 15.99 19.99
C SER C 200 15.11 17.20 19.29
N SER C 201 13.89 17.01 18.83
CA SER C 201 13.16 18.05 18.11
C SER C 201 12.10 18.61 19.08
N ARG C 202 11.42 19.69 18.70
CA ARG C 202 10.36 20.28 19.53
C ARG C 202 9.40 21.11 18.69
N ILE C 203 8.22 21.41 19.27
CA ILE C 203 7.25 22.31 18.62
C ILE C 203 7.03 23.41 19.65
N SER C 204 6.66 24.60 19.21
CA SER C 204 6.42 25.70 20.16
C SER C 204 5.01 26.25 20.01
N ILE C 205 4.24 26.16 21.10
CA ILE C 205 2.86 26.59 21.09
C ILE C 205 2.63 28.09 21.26
N TYR C 206 1.92 28.66 20.31
CA TYR C 206 1.61 30.07 20.29
C TYR C 206 0.09 30.20 20.25
N TRP C 207 -0.45 31.40 20.43
CA TRP C 207 -1.88 31.54 20.36
C TRP C 207 -2.35 32.86 19.77
N THR C 208 -3.64 32.96 19.49
CA THR C 208 -4.22 34.17 18.93
C THR C 208 -5.69 34.16 19.24
N ILE C 209 -6.21 35.31 19.65
CA ILE C 209 -7.61 35.47 19.98
C ILE C 209 -8.15 36.37 18.86
N VAL C 210 -9.22 35.97 18.22
CA VAL C 210 -9.73 36.82 17.17
C VAL C 210 -11.03 37.44 17.58
N LYS C 211 -11.03 38.76 17.64
CA LYS C 211 -12.21 39.53 18.02
C LYS C 211 -13.19 39.53 16.85
N PRO C 212 -14.51 39.59 17.12
CA PRO C 212 -15.52 39.59 16.05
C PRO C 212 -15.28 40.62 14.96
N GLY C 213 -15.55 40.23 13.72
CA GLY C 213 -15.32 41.11 12.60
C GLY C 213 -13.83 41.19 12.30
N ASP C 214 -13.09 40.17 12.72
CA ASP C 214 -11.66 40.14 12.48
C ASP C 214 -11.34 38.94 11.58
N VAL C 215 -10.11 38.86 11.10
CA VAL C 215 -9.74 37.78 10.22
C VAL C 215 -8.42 37.19 10.61
N LEU C 216 -8.40 35.88 10.87
CA LEU C 216 -7.18 35.14 11.19
C LEU C 216 -6.55 34.92 9.84
N VAL C 217 -5.25 35.17 9.71
CA VAL C 217 -4.55 34.94 8.44
C VAL C 217 -3.23 34.19 8.66
N ILE C 218 -3.19 32.93 8.21
CA ILE C 218 -1.98 32.12 8.39
C ILE C 218 -1.23 32.04 7.08
N ASN C 219 0.00 32.54 7.09
CA ASN C 219 0.82 32.50 5.91
C ASN C 219 2.11 31.90 6.39
N SER C 220 2.63 30.94 5.65
CA SER C 220 3.85 30.25 6.03
C SER C 220 4.35 29.56 4.81
N ASN C 221 5.53 28.99 4.92
CA ASN C 221 6.15 28.22 3.83
C ASN C 221 7.07 27.20 4.52
N GLY C 222 6.68 26.80 5.72
CA GLY C 222 7.45 25.84 6.47
C GLY C 222 7.21 25.77 7.96
N ASN C 223 7.29 24.56 8.50
CA ASN C 223 7.15 24.32 9.93
C ASN C 223 5.83 24.58 10.62
N LEU C 224 4.86 25.09 9.88
CA LEU C 224 3.54 25.37 10.43
C LEU C 224 2.97 24.13 11.11
N ILE C 225 2.36 24.32 12.28
CA ILE C 225 1.68 23.24 13.00
C ILE C 225 0.29 23.86 13.13
N ALA C 226 -0.46 23.77 12.02
CA ALA C 226 -1.79 24.38 11.83
C ALA C 226 -2.88 24.06 12.80
N PRO C 227 -3.78 25.04 13.02
CA PRO C 227 -4.93 24.94 13.93
C PRO C 227 -6.02 24.09 13.30
N ARG C 228 -6.79 23.34 14.09
CA ARG C 228 -7.86 22.55 13.49
C ARG C 228 -9.19 23.31 13.52
N GLY C 229 -9.24 24.36 14.35
CA GLY C 229 -10.44 25.17 14.50
C GLY C 229 -10.25 26.26 15.55
N TYR C 230 -11.19 26.40 16.48
CA TYR C 230 -11.09 27.44 17.49
C TYR C 230 -11.71 27.04 18.81
N PHE C 231 -11.36 27.72 19.89
CA PHE C 231 -11.94 27.40 21.19
C PHE C 231 -12.96 28.46 21.57
N LYS C 232 -14.18 28.04 21.85
CA LYS C 232 -15.19 29.01 22.22
C LYS C 232 -14.80 29.58 23.59
N MET C 233 -14.76 30.90 23.70
CA MET C 233 -14.41 31.53 24.97
C MET C 233 -15.55 32.26 25.66
N ARG C 234 -15.84 31.88 26.88
CA ARG C 234 -16.88 32.55 27.63
C ARG C 234 -16.15 33.54 28.54
N THR C 235 -16.82 33.96 29.62
CA THR C 235 -16.23 34.92 30.57
C THR C 235 -15.57 34.26 31.78
N GLY C 236 -14.37 34.74 32.08
CA GLY C 236 -13.59 34.20 33.18
C GLY C 236 -14.20 34.13 34.56
N LYS C 237 -15.05 33.15 34.77
CA LYS C 237 -15.66 33.02 36.07
C LYS C 237 -15.06 31.81 36.75
N SER C 238 -14.48 30.93 35.96
CA SER C 238 -13.89 29.71 36.50
C SER C 238 -12.44 29.93 36.81
N SER C 239 -11.78 28.91 37.36
CA SER C 239 -10.39 29.02 37.73
C SER C 239 -9.69 27.66 37.83
N ILE C 240 -8.36 27.67 37.78
CA ILE C 240 -7.54 26.46 37.89
C ILE C 240 -6.79 26.44 39.23
N MET C 241 -6.42 25.27 39.71
CA MET C 241 -5.70 25.17 40.97
C MET C 241 -4.98 23.87 41.10
N ARG C 242 -3.73 23.91 41.52
CA ARG C 242 -3.00 22.69 41.70
C ARG C 242 -3.15 22.23 43.14
N SER C 243 -3.45 20.95 43.33
CA SER C 243 -3.61 20.33 44.65
C SER C 243 -3.74 18.82 44.49
N ASP C 244 -3.23 18.08 45.48
CA ASP C 244 -3.32 16.63 45.49
C ASP C 244 -4.39 16.24 46.51
N ALA C 245 -5.27 17.18 46.82
CA ALA C 245 -6.32 16.93 47.79
C ALA C 245 -7.36 16.00 47.24
N PRO C 246 -7.81 15.05 48.04
CA PRO C 246 -8.82 14.13 47.56
C PRO C 246 -10.12 14.89 47.28
N ILE C 247 -11.03 14.26 46.56
CA ILE C 247 -12.32 14.88 46.27
C ILE C 247 -13.37 14.01 46.95
N ASP C 248 -14.26 14.65 47.68
CA ASP C 248 -15.26 13.94 48.42
C ASP C 248 -16.63 14.37 47.99
N THR C 249 -17.62 13.60 48.40
CA THR C 249 -18.98 13.96 48.07
C THR C 249 -19.50 14.76 49.24
N CYS C 250 -19.49 16.07 49.10
CA CYS C 250 -19.97 16.95 50.14
C CYS C 250 -20.19 18.31 49.57
N ILE C 251 -20.92 19.10 50.33
CA ILE C 251 -21.25 20.46 49.96
C ILE C 251 -20.33 21.39 50.73
N SER C 252 -19.68 22.28 49.99
CA SER C 252 -18.79 23.26 50.57
C SER C 252 -18.52 24.35 49.55
N GLU C 253 -18.50 25.59 50.05
CA GLU C 253 -18.36 26.79 49.22
C GLU C 253 -16.98 27.37 49.00
N CYS C 254 -16.10 27.20 49.98
CA CYS C 254 -14.75 27.73 49.88
C CYS C 254 -13.85 26.53 49.66
N ILE C 255 -13.13 26.55 48.54
CA ILE C 255 -12.19 25.47 48.24
C ILE C 255 -10.81 26.07 48.22
N THR C 256 -9.86 25.34 48.77
CA THR C 256 -8.51 25.83 48.86
C THR C 256 -7.64 24.68 48.44
N PRO C 257 -6.39 24.92 48.06
CA PRO C 257 -5.54 23.82 47.63
C PRO C 257 -5.49 22.74 48.72
N ASP C 258 -5.64 23.16 49.96
CA ASP C 258 -5.59 22.24 51.08
C ASP C 258 -6.91 21.50 51.28
N GLY C 259 -7.98 22.06 50.75
CA GLY C 259 -9.26 21.40 50.90
C GLY C 259 -10.33 22.40 51.14
N SER C 260 -11.43 21.96 51.72
CA SER C 260 -12.53 22.87 51.97
C SER C 260 -12.38 23.46 53.35
N ILE C 261 -12.74 24.75 53.49
CA ILE C 261 -12.71 25.46 54.77
C ILE C 261 -13.99 26.24 54.77
N PRO C 262 -14.69 26.24 55.90
CA PRO C 262 -15.95 26.98 56.02
C PRO C 262 -15.80 28.52 55.96
N ASN C 263 -16.72 29.14 55.24
CA ASN C 263 -16.72 30.59 55.10
C ASN C 263 -17.49 31.31 56.19
N ASP C 264 -17.61 30.68 57.35
CA ASP C 264 -18.33 31.31 58.46
C ASP C 264 -17.55 32.45 59.13
N LYS C 265 -16.23 32.31 59.22
CA LYS C 265 -15.39 33.34 59.82
C LYS C 265 -14.98 34.36 58.76
N PRO C 266 -14.71 35.59 59.15
CA PRO C 266 -14.32 36.65 58.20
C PRO C 266 -12.90 36.61 57.61
N PHE C 267 -11.99 35.93 58.31
CA PHE C 267 -10.60 35.81 57.87
C PHE C 267 -10.16 34.38 57.97
N GLN C 268 -9.44 33.92 56.95
CA GLN C 268 -8.89 32.58 56.92
C GLN C 268 -7.41 32.78 56.75
N ASN C 269 -6.63 31.86 57.24
CA ASN C 269 -5.19 31.95 57.11
C ASN C 269 -4.65 30.65 56.52
N VAL C 270 -5.55 29.78 56.04
CA VAL C 270 -5.16 28.50 55.49
C VAL C 270 -4.30 28.56 54.23
N ASN C 271 -4.64 29.44 53.31
CA ASN C 271 -3.89 29.45 52.07
C ASN C 271 -4.24 30.71 51.30
N LYS C 272 -3.30 31.26 50.53
CA LYS C 272 -3.61 32.47 49.79
C LYS C 272 -4.47 32.16 48.58
N ILE C 273 -4.54 30.89 48.18
CA ILE C 273 -5.36 30.49 47.03
C ILE C 273 -6.66 29.81 47.48
N THR C 274 -7.81 30.23 46.95
CA THR C 274 -9.10 29.64 47.31
C THR C 274 -10.05 29.80 46.14
N TYR C 275 -11.20 29.12 46.19
CA TYR C 275 -12.22 29.25 45.13
C TYR C 275 -13.53 29.46 45.86
N GLY C 276 -14.35 30.38 45.36
CA GLY C 276 -15.65 30.63 45.96
C GLY C 276 -15.67 31.59 47.11
N ALA C 277 -16.88 31.93 47.56
CA ALA C 277 -17.14 32.84 48.68
C ALA C 277 -16.33 32.40 49.88
N CYS C 278 -15.13 32.96 49.96
CA CYS C 278 -14.14 32.64 50.99
C CYS C 278 -13.73 33.73 51.97
N PRO C 279 -13.23 33.33 53.15
CA PRO C 279 -12.78 34.27 54.17
C PRO C 279 -11.54 34.94 53.61
N LYS C 280 -11.26 36.18 54.00
CA LYS C 280 -10.06 36.88 53.52
C LYS C 280 -8.80 36.24 54.11
N TYR C 281 -7.75 36.18 53.29
CA TYR C 281 -6.48 35.60 53.72
C TYR C 281 -5.62 36.45 54.67
N VAL C 282 -5.03 35.78 55.65
CA VAL C 282 -4.17 36.43 56.64
C VAL C 282 -2.83 35.69 56.78
ZN ZN D . 14.16 -28.82 -44.35
ZN ZN E . 0.18 -36.62 -15.14
ZN ZN F . -19.41 29.26 44.80
#